data_6T65
#
_entry.id   6T65
#
_cell.length_a   60.065
_cell.length_b   128.738
_cell.length_c   65.747
_cell.angle_alpha   90.000
_cell.angle_beta   113.060
_cell.angle_gamma   90.000
#
_symmetry.space_group_name_H-M   'P 1 21 1'
#
loop_
_entity.id
_entity.type
_entity.pdbx_description
1 polymer '3-oxoacyl-(Acyl-carrier-protein) reductase'
2 non-polymer 'ethyl 6-bromanyl-2-[(dimethylamino)methyl]-5-oxidanyl-1-phenyl-indole-3-carboxylate'
3 water water
#
_entity_poly.entity_id   1
_entity_poly.type   'polypeptide(L)'
_entity_poly.pdbx_seq_one_letter_code
;MAQERKVALVTGASRGIGAAIAQQLIQDGYFVVGTATSESGAQKLTDSFGEQGAGLALDVRNLDEIEAVVSHIEQNYGPV
LVLVNNAGITKDNLLLRMSEDDWDDILNIHLKAVYRLSKRVLKGMTKARFGRIINISSVVAHFANPGQANYSAAKAGIEA
FSRSLAKEMGSRQITVNSVAPGFIATEMTDALSEDIRKKMSDQVALNRLGEPQDIANAVSFLASDKAGYITGTVLHVNGG
LYMA
;
_entity_poly.pdbx_strand_id   A,B,C,D
#
# COMPACT_ATOMS: atom_id res chain seq x y z
N ALA A 2 1.07 -20.34 -42.93
CA ALA A 2 0.43 -20.62 -41.62
C ALA A 2 1.21 -19.93 -40.50
N GLN A 3 0.49 -19.47 -39.47
CA GLN A 3 1.12 -18.84 -38.32
C GLN A 3 0.78 -19.64 -37.08
N GLU A 4 1.83 -20.05 -36.38
CA GLU A 4 1.70 -21.03 -35.30
C GLU A 4 2.11 -20.50 -33.91
N ARG A 5 2.52 -19.24 -33.84
CA ARG A 5 2.80 -18.61 -32.55
C ARG A 5 1.52 -18.24 -31.84
N LYS A 6 1.58 -18.12 -30.52
CA LYS A 6 0.47 -17.57 -29.76
C LYS A 6 0.37 -16.12 -30.10
N VAL A 7 -0.80 -15.56 -29.93
CA VAL A 7 -1.00 -14.17 -30.27
C VAL A 7 -1.13 -13.27 -29.03
N ALA A 8 -0.40 -12.18 -29.13
CA ALA A 8 -0.46 -11.14 -28.15
C ALA A 8 -1.03 -9.91 -28.82
N LEU A 9 -1.95 -9.25 -28.13
CA LEU A 9 -2.43 -7.95 -28.57
C LEU A 9 -1.85 -6.87 -27.65
N VAL A 10 -1.16 -5.89 -28.20
CA VAL A 10 -0.67 -4.78 -27.40
C VAL A 10 -1.29 -3.49 -27.90
N THR A 11 -2.12 -2.88 -27.07
CA THR A 11 -2.75 -1.64 -27.46
C THR A 11 -1.77 -0.48 -27.19
N GLY A 12 -1.84 0.56 -28.02
CA GLY A 12 -0.95 1.73 -27.89
C GLY A 12 0.54 1.46 -28.09
N ALA A 13 0.88 0.70 -29.13
CA ALA A 13 2.25 0.25 -29.37
C ALA A 13 3.12 1.16 -30.22
N SER A 14 2.64 2.33 -30.62
CA SER A 14 3.42 3.17 -31.53
C SER A 14 4.76 3.63 -31.00
N ARG A 15 4.80 4.09 -29.77
CA ARG A 15 6.03 4.66 -29.26
C ARG A 15 6.26 4.27 -27.82
N GLY A 16 7.33 4.76 -27.22
CA GLY A 16 7.60 4.56 -25.79
C GLY A 16 7.45 3.15 -25.21
N ILE A 17 6.68 3.06 -24.14
CA ILE A 17 6.53 1.81 -23.42
C ILE A 17 5.85 0.75 -24.27
N GLY A 18 4.82 1.14 -25.02
CA GLY A 18 4.07 0.20 -25.85
C GLY A 18 4.92 -0.39 -26.95
N ALA A 19 5.79 0.44 -27.52
CA ALA A 19 6.65 0.00 -28.58
C ALA A 19 7.60 -1.05 -28.05
N ALA A 20 8.21 -0.75 -26.90
CA ALA A 20 9.23 -1.64 -26.33
C ALA A 20 8.62 -2.95 -25.95
N ILE A 21 7.43 -2.93 -25.40
CA ILE A 21 6.71 -4.15 -25.04
C ILE A 21 6.47 -5.02 -26.24
N ALA A 22 6.10 -4.40 -27.35
CA ALA A 22 5.70 -5.15 -28.53
C ALA A 22 6.95 -5.78 -29.18
N GLN A 23 8.03 -5.01 -29.25
CA GLN A 23 9.26 -5.53 -29.81
C GLN A 23 9.77 -6.72 -29.04
N GLN A 24 9.59 -6.67 -27.71
CA GLN A 24 10.15 -7.69 -26.82
C GLN A 24 9.32 -8.96 -26.84
N LEU A 25 8.01 -8.82 -26.92
CA LEU A 25 7.16 -10.01 -26.97
C LEU A 25 7.39 -10.77 -28.27
N ILE A 26 7.86 -10.05 -29.29
CA ILE A 26 8.17 -10.69 -30.55
C ILE A 26 9.35 -11.61 -30.32
N GLN A 27 10.42 -11.04 -29.77
CA GLN A 27 11.62 -11.81 -29.41
C GLN A 27 11.29 -13.00 -28.54
N ASP A 28 10.25 -12.89 -27.72
CA ASP A 28 9.81 -14.00 -26.88
C ASP A 28 9.10 -15.08 -27.69
N GLY A 29 8.73 -14.81 -28.93
CA GLY A 29 8.06 -15.81 -29.78
C GLY A 29 6.53 -15.77 -29.75
N TYR A 30 5.99 -14.58 -29.48
CA TYR A 30 4.56 -14.35 -29.65
C TYR A 30 4.37 -13.70 -31.01
N PHE A 31 3.23 -13.94 -31.64
CA PHE A 31 2.87 -13.14 -32.81
C PHE A 31 2.18 -11.92 -32.25
N VAL A 32 2.74 -10.75 -32.50
CA VAL A 32 2.24 -9.56 -31.81
C VAL A 32 1.40 -8.63 -32.69
N VAL A 33 0.14 -8.46 -32.32
CA VAL A 33 -0.67 -7.42 -32.94
C VAL A 33 -0.63 -6.16 -32.09
N GLY A 34 -0.17 -5.04 -32.63
CA GLY A 34 -0.18 -3.79 -31.88
C GLY A 34 -1.17 -2.82 -32.47
N THR A 35 -1.64 -1.86 -31.69
CA THR A 35 -2.59 -0.86 -32.20
C THR A 35 -2.02 0.53 -32.18
N ALA A 36 -2.63 1.42 -32.93
CA ALA A 36 -2.18 2.80 -33.01
C ALA A 36 -3.43 3.56 -33.21
N THR A 37 -3.36 4.88 -33.08
CA THR A 37 -4.55 5.68 -33.09
C THR A 37 -4.95 6.06 -34.50
N SER A 38 -4.15 5.67 -35.49
CA SER A 38 -4.36 6.06 -36.87
C SER A 38 -3.97 4.91 -37.80
N GLU A 39 -4.41 4.98 -39.05
CA GLU A 39 -4.10 3.98 -40.03
C GLU A 39 -2.64 4.14 -40.42
N SER A 40 -2.19 5.38 -40.49
CA SER A 40 -0.80 5.61 -40.83
C SER A 40 0.09 5.11 -39.69
N GLY A 41 -0.39 5.21 -38.45
CA GLY A 41 0.36 4.70 -37.31
C GLY A 41 0.43 3.19 -37.35
N ALA A 42 -0.70 2.57 -37.66
CA ALA A 42 -0.76 1.14 -37.84
C ALA A 42 0.20 0.65 -38.92
N GLN A 43 0.34 1.40 -40.02
CA GLN A 43 1.16 0.96 -41.13
C GLN A 43 2.60 0.78 -40.62
N LYS A 44 3.12 1.82 -39.99
CA LYS A 44 4.46 1.79 -39.44
C LYS A 44 4.68 0.54 -38.55
N LEU A 45 3.67 0.14 -37.80
CA LEU A 45 3.84 -1.03 -36.95
C LEU A 45 4.02 -2.26 -37.82
N THR A 46 3.26 -2.34 -38.90
CA THR A 46 3.42 -3.45 -39.81
C THR A 46 4.82 -3.45 -40.41
N ASP A 47 5.26 -2.28 -40.88
CA ASP A 47 6.60 -2.13 -41.45
C ASP A 47 7.68 -2.34 -40.40
N SER A 48 7.28 -2.62 -39.16
CA SER A 48 8.22 -2.82 -38.09
C SER A 48 8.12 -4.23 -37.51
N PHE A 49 6.90 -4.73 -37.41
CA PHE A 49 6.66 -6.07 -36.90
C PHE A 49 6.94 -7.16 -37.95
N GLY A 50 7.25 -6.72 -39.17
CA GLY A 50 7.52 -7.63 -40.27
C GLY A 50 6.52 -8.76 -40.33
N GLU A 51 7.02 -9.97 -40.53
CA GLU A 51 6.18 -11.15 -40.64
C GLU A 51 5.95 -11.80 -39.28
N GLN A 52 6.39 -11.13 -38.22
CA GLN A 52 6.22 -11.63 -36.87
C GLN A 52 5.06 -10.93 -36.16
N GLY A 53 4.55 -9.85 -36.76
CA GLY A 53 3.43 -9.13 -36.17
C GLY A 53 2.63 -8.35 -37.19
N ALA A 54 1.54 -7.75 -36.71
CA ALA A 54 0.61 -6.98 -37.54
C ALA A 54 0.14 -5.72 -36.82
N GLY A 55 0.10 -4.61 -37.53
CA GLY A 55 -0.48 -3.37 -37.02
C GLY A 55 -1.95 -3.19 -37.36
N LEU A 56 -2.69 -2.59 -36.43
CA LEU A 56 -4.10 -2.28 -36.61
C LEU A 56 -4.42 -0.95 -35.96
N ALA A 57 -5.33 -0.20 -36.58
CA ALA A 57 -5.77 1.07 -36.04
C ALA A 57 -6.91 0.82 -35.09
N LEU A 58 -6.91 1.53 -33.98
CA LEU A 58 -7.93 1.32 -32.98
C LEU A 58 -8.05 2.52 -32.06
N ASP A 59 -9.26 3.02 -31.95
CA ASP A 59 -9.57 4.01 -30.96
C ASP A 59 -10.15 3.22 -29.83
N VAL A 60 -9.44 3.14 -28.73
CA VAL A 60 -9.90 2.34 -27.60
C VAL A 60 -11.18 2.85 -26.93
N ARG A 61 -11.67 4.03 -27.29
CA ARG A 61 -12.85 4.56 -26.62
C ARG A 61 -14.10 4.00 -27.23
N ASN A 62 -13.99 3.35 -28.37
CA ASN A 62 -15.15 2.92 -29.12
C ASN A 62 -15.29 1.39 -29.02
N LEU A 63 -16.43 0.95 -28.48
CA LEU A 63 -16.74 -0.47 -28.29
C LEU A 63 -16.83 -1.29 -29.57
N ASP A 64 -17.57 -0.79 -30.56
CA ASP A 64 -17.74 -1.51 -31.81
C ASP A 64 -16.38 -1.78 -32.40
N GLU A 65 -15.55 -0.75 -32.37
CA GLU A 65 -14.22 -0.80 -32.98
C GLU A 65 -13.37 -1.83 -32.29
N ILE A 66 -13.62 -2.03 -31.00
CA ILE A 66 -12.89 -3.01 -30.19
C ILE A 66 -13.38 -4.40 -30.55
N GLU A 67 -14.68 -4.52 -30.75
CA GLU A 67 -15.22 -5.82 -31.10
C GLU A 67 -14.74 -6.19 -32.49
N ALA A 68 -14.66 -5.21 -33.36
CA ALA A 68 -14.22 -5.45 -34.74
C ALA A 68 -12.79 -5.91 -34.81
N VAL A 69 -11.93 -5.30 -34.01
CA VAL A 69 -10.50 -5.63 -34.00
C VAL A 69 -10.20 -7.01 -33.42
N VAL A 70 -10.88 -7.37 -32.34
CA VAL A 70 -10.63 -8.65 -31.72
C VAL A 70 -11.16 -9.76 -32.61
N SER A 71 -12.31 -9.49 -33.21
CA SER A 71 -12.93 -10.42 -34.13
C SER A 71 -11.99 -10.70 -35.28
N HIS A 72 -11.41 -9.63 -35.79
CA HIS A 72 -10.53 -9.70 -36.92
C HIS A 72 -9.25 -10.41 -36.56
N ILE A 73 -8.86 -10.33 -35.29
CA ILE A 73 -7.64 -11.01 -34.88
C ILE A 73 -7.90 -12.49 -34.86
N GLU A 74 -9.03 -12.87 -34.30
CA GLU A 74 -9.37 -14.28 -34.22
C GLU A 74 -9.54 -14.79 -35.63
N GLN A 75 -10.03 -13.93 -36.53
CA GLN A 75 -10.30 -14.37 -37.89
C GLN A 75 -9.05 -14.50 -38.71
N ASN A 76 -8.01 -13.75 -38.41
CA ASN A 76 -6.83 -13.77 -39.26
C ASN A 76 -5.58 -14.32 -38.62
N TYR A 77 -5.55 -14.42 -37.29
CA TYR A 77 -4.30 -14.80 -36.64
C TYR A 77 -4.40 -15.83 -35.53
N GLY A 78 -5.49 -15.84 -34.78
CA GLY A 78 -5.63 -16.80 -33.71
C GLY A 78 -6.26 -16.12 -32.52
N PRO A 79 -6.64 -16.89 -31.48
CA PRO A 79 -7.22 -16.26 -30.30
C PRO A 79 -6.20 -15.38 -29.61
N VAL A 80 -6.67 -14.45 -28.79
CA VAL A 80 -5.76 -13.55 -28.09
C VAL A 80 -5.54 -14.15 -26.72
N LEU A 81 -4.31 -14.52 -26.45
CA LEU A 81 -3.98 -15.20 -25.19
C LEU A 81 -3.04 -14.39 -24.33
N VAL A 82 -2.46 -13.33 -24.86
CA VAL A 82 -1.75 -12.38 -24.05
C VAL A 82 -2.33 -11.00 -24.35
N LEU A 83 -3.08 -10.44 -23.42
CA LEU A 83 -3.59 -9.08 -23.64
C LEU A 83 -2.84 -8.12 -22.76
N VAL A 84 -2.21 -7.13 -23.36
CA VAL A 84 -1.54 -6.07 -22.62
C VAL A 84 -2.22 -4.73 -22.83
N ASN A 85 -2.97 -4.26 -21.85
CA ASN A 85 -3.64 -2.97 -22.00
C ASN A 85 -2.68 -1.81 -21.68
N ASN A 86 -2.30 -1.06 -22.70
CA ASN A 86 -1.32 0.02 -22.52
C ASN A 86 -1.88 1.29 -23.11
N ALA A 87 -1.76 2.37 -22.36
CA ALA A 87 -2.26 3.66 -22.84
C ALA A 87 -1.40 4.75 -22.21
N GLY A 88 -0.96 5.73 -22.99
CA GLY A 88 -0.12 6.82 -22.44
C GLY A 88 -0.78 8.20 -22.43
N ILE A 89 -1.95 8.30 -23.04
CA ILE A 89 -2.61 9.58 -23.24
C ILE A 89 -2.98 10.24 -21.92
N THR A 90 -2.77 11.54 -21.85
CA THR A 90 -3.12 12.27 -20.65
C THR A 90 -3.91 13.48 -21.01
N LYS A 91 -4.57 14.05 -20.01
CA LYS A 91 -5.26 15.32 -20.15
C LYS A 91 -5.16 16.00 -18.81
N ASP A 92 -3.96 16.46 -18.49
CA ASP A 92 -3.72 17.08 -17.21
C ASP A 92 -4.41 18.42 -17.07
N ASN A 93 -4.88 18.68 -15.87
CA ASN A 93 -5.40 19.97 -15.45
C ASN A 93 -5.73 19.93 -13.96
N LEU A 94 -5.64 21.09 -13.33
CA LEU A 94 -6.03 21.22 -11.95
C LEU A 94 -7.52 21.09 -11.99
N LEU A 95 -8.09 20.50 -10.96
CA LEU A 95 -9.51 20.22 -10.94
C LEU A 95 -10.32 21.46 -11.25
N LEU A 96 -9.75 22.62 -10.94
CA LEU A 96 -10.45 23.87 -11.23
C LEU A 96 -10.80 23.96 -12.70
N ARG A 97 -9.88 23.49 -13.53
CA ARG A 97 -10.02 23.55 -14.98
C ARG A 97 -9.96 22.17 -15.57
N MET A 98 -10.48 21.17 -14.87
CA MET A 98 -10.65 19.86 -15.52
C MET A 98 -12.11 19.71 -15.95
N SER A 99 -12.36 19.72 -17.25
CA SER A 99 -13.71 19.62 -17.75
C SER A 99 -14.30 18.20 -17.61
N GLU A 100 -15.59 18.11 -17.80
CA GLU A 100 -16.28 16.83 -17.86
C GLU A 100 -15.65 15.91 -18.90
N ASP A 101 -15.13 16.48 -19.98
CA ASP A 101 -14.59 15.66 -21.06
C ASP A 101 -13.18 15.27 -20.80
N ASP A 102 -12.46 16.08 -20.04
CA ASP A 102 -11.11 15.73 -19.63
C ASP A 102 -11.21 14.51 -18.73
N TRP A 103 -12.19 14.50 -17.85
CA TRP A 103 -12.41 13.39 -16.99
C TRP A 103 -12.90 12.16 -17.78
N ASP A 104 -14.02 12.28 -18.48
CA ASP A 104 -14.64 11.14 -19.16
C ASP A 104 -13.69 10.48 -20.15
N ASP A 105 -13.01 11.27 -20.92
CA ASP A 105 -12.14 10.75 -21.93
C ASP A 105 -10.96 9.96 -21.35
N ILE A 106 -10.36 10.46 -20.29
CA ILE A 106 -9.25 9.76 -19.69
C ILE A 106 -9.71 8.46 -19.02
N LEU A 107 -10.84 8.51 -18.32
CA LEU A 107 -11.37 7.31 -17.71
C LEU A 107 -11.79 6.28 -18.78
N ASN A 108 -12.21 6.74 -19.95
CA ASN A 108 -12.64 5.81 -20.98
C ASN A 108 -11.45 5.13 -21.66
N ILE A 109 -10.37 5.88 -21.89
CA ILE A 109 -9.19 5.36 -22.55
C ILE A 109 -8.43 4.37 -21.70
N HIS A 110 -8.35 4.65 -20.41
CA HIS A 110 -7.57 3.86 -19.51
C HIS A 110 -8.38 2.75 -18.81
N LEU A 111 -9.36 3.12 -18.00
CA LEU A 111 -10.06 2.15 -17.17
C LEU A 111 -11.09 1.41 -17.96
N LYS A 112 -11.86 2.13 -18.76
CA LYS A 112 -12.92 1.51 -19.52
C LYS A 112 -12.42 0.56 -20.55
N ALA A 113 -11.41 0.98 -21.31
CA ALA A 113 -10.82 0.13 -22.32
C ALA A 113 -10.40 -1.19 -21.69
N VAL A 114 -9.82 -1.13 -20.48
CA VAL A 114 -9.35 -2.32 -19.82
C VAL A 114 -10.51 -3.26 -19.59
N TYR A 115 -11.65 -2.74 -19.13
CA TYR A 115 -12.83 -3.54 -18.88
C TYR A 115 -13.34 -4.16 -20.15
N ARG A 116 -13.31 -3.41 -21.24
CA ARG A 116 -13.93 -3.87 -22.43
C ARG A 116 -13.05 -4.93 -23.07
N LEU A 117 -11.77 -4.65 -23.27
CA LEU A 117 -10.89 -5.60 -23.92
C LEU A 117 -10.70 -6.82 -23.06
N SER A 118 -10.63 -6.60 -21.76
CA SER A 118 -10.45 -7.73 -20.86
C SER A 118 -11.57 -8.70 -21.10
N LYS A 119 -12.80 -8.18 -20.99
CA LYS A 119 -14.01 -8.98 -21.08
C LYS A 119 -14.16 -9.75 -22.41
N ARG A 120 -13.69 -9.16 -23.48
CA ARG A 120 -13.89 -9.66 -24.82
C ARG A 120 -12.96 -10.82 -25.13
N VAL A 121 -11.94 -11.02 -24.32
CA VAL A 121 -10.94 -12.01 -24.64
C VAL A 121 -10.96 -13.16 -23.66
N LEU A 122 -11.77 -13.07 -22.61
CA LEU A 122 -11.83 -14.12 -21.62
C LEU A 122 -12.17 -15.48 -22.25
N LYS A 123 -13.36 -15.61 -22.82
CA LYS A 123 -13.81 -16.91 -23.34
C LYS A 123 -12.76 -17.55 -24.23
N GLY A 124 -12.09 -16.74 -25.05
CA GLY A 124 -11.02 -17.25 -25.92
C GLY A 124 -9.82 -17.74 -25.13
N MET A 125 -9.72 -17.30 -23.87
CA MET A 125 -8.67 -17.73 -22.98
C MET A 125 -9.20 -18.87 -22.16
N THR A 126 -10.48 -18.83 -21.76
CA THR A 126 -11.03 -19.89 -20.93
C THR A 126 -11.02 -21.19 -21.71
N LYS A 127 -10.96 -21.09 -23.04
CA LYS A 127 -11.04 -22.27 -23.87
C LYS A 127 -9.68 -22.93 -23.90
N ALA A 128 -8.63 -22.16 -24.17
CA ALA A 128 -7.28 -22.73 -24.26
C ALA A 128 -6.68 -22.93 -22.87
N ARG A 129 -7.44 -22.64 -21.83
CA ARG A 129 -6.94 -22.83 -20.49
C ARG A 129 -5.65 -22.05 -20.23
N PHE A 130 -5.22 -21.24 -21.18
CA PHE A 130 -4.07 -20.40 -20.98
C PHE A 130 -4.49 -18.95 -21.06
N GLY A 131 -3.82 -18.08 -20.32
CA GLY A 131 -4.18 -16.67 -20.34
C GLY A 131 -3.29 -15.72 -19.58
N ARG A 132 -2.96 -14.61 -20.22
CA ARG A 132 -2.23 -13.53 -19.57
C ARG A 132 -2.83 -12.19 -19.92
N ILE A 133 -3.32 -11.51 -18.90
CA ILE A 133 -3.78 -10.14 -19.04
C ILE A 133 -2.85 -9.29 -18.20
N ILE A 134 -2.13 -8.40 -18.85
CA ILE A 134 -1.21 -7.52 -18.16
C ILE A 134 -1.64 -6.07 -18.41
N ASN A 135 -2.01 -5.39 -17.32
CA ASN A 135 -2.53 -4.05 -17.41
C ASN A 135 -1.48 -3.07 -16.97
N ILE A 136 -1.09 -2.14 -17.85
CA ILE A 136 -0.09 -1.16 -17.48
C ILE A 136 -0.74 -0.07 -16.65
N SER A 137 -0.21 0.09 -15.45
CA SER A 137 -0.69 1.06 -14.49
C SER A 137 0.28 2.26 -14.47
N SER A 138 0.39 2.92 -13.34
CA SER A 138 1.41 3.95 -13.16
C SER A 138 1.63 4.19 -11.69
N VAL A 139 2.77 4.79 -11.37
CA VAL A 139 3.09 5.10 -9.99
C VAL A 139 2.19 6.18 -9.44
N VAL A 140 1.59 6.99 -10.32
CA VAL A 140 0.75 8.09 -9.84
C VAL A 140 -0.58 7.58 -9.30
N ALA A 141 -0.82 6.28 -9.42
CA ALA A 141 -1.88 5.65 -8.75
C ALA A 141 -1.67 5.63 -7.26
N HIS A 142 -0.42 5.74 -6.80
CA HIS A 142 -0.11 5.73 -5.39
C HIS A 142 0.67 6.94 -4.95
N PHE A 143 1.24 7.66 -5.90
CA PHE A 143 2.10 8.75 -5.59
C PHE A 143 1.36 10.02 -5.93
N ALA A 144 0.83 10.67 -4.91
CA ALA A 144 0.04 11.90 -5.11
C ALA A 144 0.69 12.87 -6.09
N ASN A 145 0.01 13.16 -7.19
CA ASN A 145 0.59 14.04 -8.19
C ASN A 145 -0.45 15.03 -8.72
N PRO A 146 -0.16 16.35 -8.66
CA PRO A 146 -1.25 17.29 -8.94
C PRO A 146 -1.44 17.60 -10.42
N GLY A 147 -2.69 17.80 -10.82
CA GLY A 147 -3.03 17.95 -12.21
C GLY A 147 -3.27 16.62 -12.91
N GLN A 148 -3.07 15.52 -12.21
CA GLN A 148 -3.35 14.23 -12.78
C GLN A 148 -4.47 13.50 -12.05
N ALA A 149 -5.49 14.20 -11.58
CA ALA A 149 -6.52 13.51 -10.80
C ALA A 149 -7.23 12.41 -11.58
N ASN A 150 -7.57 12.71 -12.84
CA ASN A 150 -8.30 11.80 -13.67
C ASN A 150 -7.45 10.62 -14.04
N TYR A 151 -6.20 10.87 -14.39
CA TYR A 151 -5.27 9.78 -14.74
C TYR A 151 -4.91 8.90 -13.51
N SER A 152 -4.75 9.52 -12.36
CA SER A 152 -4.49 8.75 -11.16
C SER A 152 -5.67 7.85 -10.77
N ALA A 153 -6.89 8.35 -10.94
CA ALA A 153 -8.06 7.57 -10.59
C ALA A 153 -8.21 6.39 -11.53
N ALA A 154 -7.96 6.62 -12.82
CA ALA A 154 -8.06 5.57 -13.81
C ALA A 154 -7.06 4.48 -13.53
N LYS A 155 -5.81 4.86 -13.28
CA LYS A 155 -4.80 3.86 -13.03
C LYS A 155 -5.04 3.06 -11.76
N ALA A 156 -5.50 3.73 -10.70
CA ALA A 156 -5.71 3.04 -9.44
C ALA A 156 -6.86 2.07 -9.62
N GLY A 157 -7.87 2.48 -10.37
CA GLY A 157 -8.98 1.66 -10.70
C GLY A 157 -8.54 0.45 -11.50
N ILE A 158 -7.63 0.62 -12.43
CA ILE A 158 -7.08 -0.55 -13.17
C ILE A 158 -6.49 -1.60 -12.22
N GLU A 159 -5.73 -1.16 -11.25
CA GLU A 159 -5.15 -2.10 -10.33
C GLU A 159 -6.19 -2.91 -9.54
N ALA A 160 -7.27 -2.25 -9.14
CA ALA A 160 -8.28 -2.91 -8.29
C ALA A 160 -9.10 -3.86 -9.15
N PHE A 161 -9.40 -3.45 -10.38
CA PHE A 161 -10.09 -4.28 -11.35
C PHE A 161 -9.31 -5.53 -11.66
N SER A 162 -8.00 -5.40 -11.72
CA SER A 162 -7.15 -6.53 -12.01
C SER A 162 -7.20 -7.55 -10.87
N ARG A 163 -7.19 -7.08 -9.64
CA ARG A 163 -7.26 -7.99 -8.51
C ARG A 163 -8.56 -8.75 -8.53
N SER A 164 -9.63 -8.08 -8.88
CA SER A 164 -10.94 -8.69 -8.77
C SER A 164 -11.11 -9.72 -9.87
N LEU A 165 -10.60 -9.42 -11.05
CA LEU A 165 -10.72 -10.35 -12.16
C LEU A 165 -9.82 -11.52 -11.95
N ALA A 166 -8.68 -11.32 -11.30
CA ALA A 166 -7.71 -12.38 -11.09
C ALA A 166 -8.34 -13.51 -10.30
N LYS A 167 -9.25 -13.14 -9.42
CA LYS A 167 -9.98 -14.06 -8.58
C LYS A 167 -10.98 -14.89 -9.36
N GLU A 168 -11.68 -14.27 -10.30
CA GLU A 168 -12.71 -14.96 -11.09
C GLU A 168 -12.09 -15.83 -12.17
N MET A 169 -10.94 -15.41 -12.69
CA MET A 169 -10.31 -16.12 -13.78
C MET A 169 -9.22 -17.09 -13.32
N GLY A 170 -9.07 -17.25 -12.02
CA GLY A 170 -8.06 -18.16 -11.51
C GLY A 170 -8.25 -19.62 -11.91
N SER A 171 -9.45 -20.14 -11.72
CA SER A 171 -9.74 -21.54 -12.05
C SER A 171 -9.31 -21.91 -13.45
N ARG A 172 -9.35 -20.93 -14.35
CA ARG A 172 -9.06 -21.15 -15.76
C ARG A 172 -7.58 -21.00 -16.12
N GLN A 173 -6.71 -20.80 -15.13
CA GLN A 173 -5.28 -20.64 -15.40
C GLN A 173 -4.95 -19.38 -16.18
N ILE A 174 -5.73 -18.34 -15.95
CA ILE A 174 -5.49 -17.05 -16.56
C ILE A 174 -4.95 -16.15 -15.47
N THR A 175 -3.78 -15.56 -15.67
CA THR A 175 -3.31 -14.58 -14.69
C THR A 175 -3.63 -13.18 -15.19
N VAL A 176 -3.84 -12.30 -14.23
CA VAL A 176 -4.17 -10.92 -14.48
C VAL A 176 -3.34 -10.12 -13.49
N ASN A 177 -2.38 -9.38 -14.01
CA ASN A 177 -1.52 -8.58 -13.19
C ASN A 177 -1.44 -7.15 -13.71
N SER A 178 -0.98 -6.26 -12.85
CA SER A 178 -0.64 -4.91 -13.29
C SER A 178 0.84 -4.71 -13.20
N VAL A 179 1.38 -3.91 -14.11
CA VAL A 179 2.77 -3.44 -14.05
C VAL A 179 2.74 -1.93 -13.93
N ALA A 180 3.44 -1.38 -12.96
CA ALA A 180 3.26 0.05 -12.69
C ALA A 180 4.60 0.79 -12.84
N PRO A 181 4.81 1.43 -13.98
CA PRO A 181 6.04 2.17 -14.16
C PRO A 181 6.07 3.45 -13.39
N GLY A 182 7.26 3.90 -13.07
CA GLY A 182 7.44 5.16 -12.37
C GLY A 182 7.79 6.23 -13.37
N PHE A 183 8.87 6.94 -13.11
CA PHE A 183 9.31 8.01 -13.98
C PHE A 183 10.15 7.43 -15.11
N ILE A 184 9.47 7.05 -16.18
CA ILE A 184 10.13 6.43 -17.33
C ILE A 184 10.46 7.47 -18.37
N ALA A 185 11.71 7.48 -18.83
CA ALA A 185 12.11 8.45 -19.84
C ALA A 185 11.30 8.16 -21.07
N THR A 186 10.45 9.07 -21.46
CA THR A 186 9.66 8.89 -22.64
C THR A 186 9.76 10.14 -23.45
N GLU A 187 9.22 10.05 -24.65
CA GLU A 187 9.09 11.18 -25.53
C GLU A 187 8.54 12.37 -24.77
N MET A 188 7.62 12.09 -23.86
CA MET A 188 6.93 13.13 -23.10
C MET A 188 7.80 13.62 -21.97
N THR A 189 8.72 12.78 -21.53
CA THR A 189 9.61 13.13 -20.45
C THR A 189 10.84 13.85 -21.02
N ASP A 190 11.09 13.58 -22.30
CA ASP A 190 12.18 14.18 -23.05
C ASP A 190 11.94 15.65 -23.23
N ALA A 191 10.67 16.05 -23.21
CA ALA A 191 10.30 17.44 -23.49
C ALA A 191 10.51 18.37 -22.31
N LEU A 192 10.66 17.81 -21.11
CA LEU A 192 10.71 18.64 -19.92
C LEU A 192 12.07 19.27 -19.66
N SER A 193 12.06 20.29 -18.81
CA SER A 193 13.27 20.93 -18.36
C SER A 193 14.23 19.91 -17.81
N GLU A 194 15.36 20.39 -17.35
CA GLU A 194 16.36 19.49 -16.84
C GLU A 194 16.45 19.50 -15.34
N ASP A 195 16.47 20.66 -14.73
CA ASP A 195 16.51 20.67 -13.27
C ASP A 195 15.27 19.92 -12.78
N ILE A 196 14.24 19.85 -13.62
CA ILE A 196 13.04 19.17 -13.23
C ILE A 196 13.13 17.65 -13.47
N ARG A 197 13.87 17.23 -14.49
CA ARG A 197 14.05 15.81 -14.72
C ARG A 197 14.92 15.30 -13.59
N LYS A 198 15.80 16.18 -13.11
CA LYS A 198 16.69 15.84 -12.02
C LYS A 198 15.91 15.86 -10.73
N LYS A 199 14.91 16.73 -10.68
CA LYS A 199 14.04 16.80 -9.54
C LYS A 199 13.32 15.47 -9.45
N MET A 200 12.97 14.91 -10.60
CA MET A 200 12.30 13.62 -10.61
C MET A 200 13.29 12.56 -10.14
N SER A 201 14.51 12.60 -10.65
CA SER A 201 15.50 11.60 -10.31
C SER A 201 15.92 11.65 -8.86
N ASP A 202 15.86 12.81 -8.22
CA ASP A 202 16.29 12.89 -6.82
C ASP A 202 15.43 11.95 -6.01
N GLN A 203 14.15 11.89 -6.37
CA GLN A 203 13.17 11.08 -5.67
C GLN A 203 13.34 9.59 -5.86
N VAL A 204 13.91 9.18 -6.98
CA VAL A 204 14.11 7.77 -7.25
C VAL A 204 15.28 7.26 -6.42
N ALA A 205 15.13 6.09 -5.86
CA ALA A 205 16.20 5.55 -5.03
C ALA A 205 17.44 5.27 -5.84
N LEU A 206 17.26 4.73 -7.05
CA LEU A 206 18.39 4.48 -7.94
C LEU A 206 18.94 5.76 -8.53
N ASN A 207 18.26 6.90 -8.32
CA ASN A 207 18.74 8.16 -8.85
C ASN A 207 18.85 8.24 -10.39
N ARG A 208 17.90 7.65 -11.08
CA ARG A 208 17.83 7.80 -12.51
C ARG A 208 16.40 7.55 -12.97
N LEU A 209 16.08 8.06 -14.16
CA LEU A 209 14.81 7.76 -14.79
C LEU A 209 14.92 6.39 -15.44
N GLY A 210 13.78 5.74 -15.61
CA GLY A 210 13.74 4.43 -16.22
C GLY A 210 13.66 4.48 -17.73
N GLU A 211 13.63 3.30 -18.33
CA GLU A 211 13.61 3.11 -19.77
C GLU A 211 12.35 2.32 -20.14
N PRO A 212 11.82 2.52 -21.35
CA PRO A 212 10.69 1.66 -21.73
C PRO A 212 11.05 0.18 -21.70
N GLN A 213 12.32 -0.15 -21.96
CA GLN A 213 12.78 -1.52 -21.97
C GLN A 213 12.66 -2.14 -20.58
N ASP A 214 12.81 -1.32 -19.53
CA ASP A 214 12.57 -1.79 -18.17
C ASP A 214 11.14 -2.31 -17.97
N ILE A 215 10.16 -1.57 -18.48
CA ILE A 215 8.80 -2.01 -18.40
C ILE A 215 8.61 -3.21 -19.33
N ALA A 216 9.28 -3.20 -20.48
CA ALA A 216 9.12 -4.33 -21.42
C ALA A 216 9.66 -5.60 -20.80
N ASN A 217 10.77 -5.49 -20.09
CA ASN A 217 11.33 -6.63 -19.39
C ASN A 217 10.39 -7.21 -18.35
N ALA A 218 9.69 -6.33 -17.64
CA ALA A 218 8.76 -6.79 -16.61
C ALA A 218 7.55 -7.51 -17.20
N VAL A 219 7.02 -6.96 -18.27
CA VAL A 219 5.85 -7.52 -18.90
C VAL A 219 6.20 -8.82 -19.59
N SER A 220 7.35 -8.88 -20.24
CA SER A 220 7.78 -10.13 -20.81
C SER A 220 7.84 -11.22 -19.74
N PHE A 221 8.38 -10.90 -18.58
CA PHE A 221 8.45 -11.88 -17.52
C PHE A 221 7.05 -12.37 -17.15
N LEU A 222 6.13 -11.46 -16.87
CA LEU A 222 4.78 -11.91 -16.45
C LEU A 222 4.04 -12.68 -17.55
N ALA A 223 4.31 -12.30 -18.78
CA ALA A 223 3.67 -12.91 -19.95
C ALA A 223 4.13 -14.32 -20.19
N SER A 224 5.30 -14.67 -19.68
CA SER A 224 5.98 -15.91 -19.98
C SER A 224 5.58 -17.04 -19.06
N ASP A 225 6.05 -18.25 -19.37
CA ASP A 225 5.73 -19.46 -18.58
C ASP A 225 6.41 -19.46 -17.17
N LYS A 226 7.36 -18.56 -16.98
CA LYS A 226 8.06 -18.42 -15.73
C LYS A 226 7.29 -17.63 -14.65
N ALA A 227 6.08 -17.13 -14.96
CA ALA A 227 5.28 -16.38 -13.97
C ALA A 227 3.87 -16.96 -13.85
N GLY A 228 3.77 -18.26 -14.10
CA GLY A 228 2.47 -18.92 -14.12
C GLY A 228 1.76 -18.98 -12.79
N TYR A 229 2.52 -18.80 -11.70
CA TYR A 229 1.95 -18.76 -10.35
C TYR A 229 1.83 -17.34 -9.74
N ILE A 230 1.96 -16.29 -10.55
CA ILE A 230 1.81 -14.91 -10.04
C ILE A 230 0.56 -14.31 -10.63
N THR A 231 -0.39 -13.92 -9.81
CA THR A 231 -1.60 -13.31 -10.34
C THR A 231 -2.23 -12.36 -9.33
N GLY A 232 -2.93 -11.37 -9.83
CA GLY A 232 -3.59 -10.40 -8.98
C GLY A 232 -2.63 -9.49 -8.23
N THR A 233 -1.46 -9.25 -8.79
CA THR A 233 -0.51 -8.43 -8.10
C THR A 233 -0.15 -7.20 -8.92
N VAL A 234 0.60 -6.31 -8.30
CA VAL A 234 1.12 -5.18 -8.99
C VAL A 234 2.62 -5.27 -8.97
N LEU A 235 3.22 -5.22 -10.15
CA LEU A 235 4.68 -5.29 -10.23
C LEU A 235 5.18 -3.89 -10.43
N HIS A 236 5.86 -3.32 -9.44
CA HIS A 236 6.29 -1.93 -9.49
C HIS A 236 7.67 -1.82 -10.10
N VAL A 237 7.82 -0.95 -11.09
CA VAL A 237 9.12 -0.79 -11.74
C VAL A 237 9.47 0.68 -11.73
N ASN A 238 9.88 1.18 -10.58
CA ASN A 238 10.04 2.60 -10.40
C ASN A 238 11.30 3.00 -9.71
N GLY A 239 12.26 2.08 -9.62
CA GLY A 239 13.59 2.42 -9.09
C GLY A 239 13.60 2.83 -7.63
N GLY A 240 12.57 2.49 -6.87
CA GLY A 240 12.51 2.84 -5.47
C GLY A 240 11.79 4.14 -5.19
N LEU A 241 11.17 4.72 -6.20
CA LEU A 241 10.40 5.93 -6.02
C LEU A 241 9.29 5.64 -5.05
N TYR A 242 8.69 4.45 -5.20
CA TYR A 242 7.58 4.08 -4.36
C TYR A 242 7.75 2.64 -3.88
N MET A 243 7.80 2.49 -2.56
CA MET A 243 8.02 1.21 -1.90
C MET A 243 6.85 0.92 -0.96
N ARG B 5 -22.83 28.98 11.55
CA ARG B 5 -22.78 27.49 11.31
C ARG B 5 -22.25 27.18 9.92
N LYS B 6 -21.06 26.58 9.86
CA LYS B 6 -20.53 26.12 8.59
C LYS B 6 -21.48 25.04 8.13
N VAL B 7 -21.77 24.99 6.85
CA VAL B 7 -22.69 23.99 6.35
C VAL B 7 -21.92 22.78 5.83
N ALA B 8 -22.49 21.61 6.07
CA ALA B 8 -21.91 20.36 5.60
C ALA B 8 -22.91 19.58 4.75
N LEU B 9 -22.44 19.02 3.64
CA LEU B 9 -23.32 18.33 2.69
C LEU B 9 -22.98 16.86 2.68
N VAL B 10 -23.93 16.01 3.05
CA VAL B 10 -23.70 14.60 3.10
C VAL B 10 -24.59 13.86 2.12
N THR B 11 -24.02 13.35 1.03
CA THR B 11 -24.84 12.62 0.04
C THR B 11 -25.13 11.24 0.56
N GLY B 12 -26.21 10.65 0.07
CA GLY B 12 -26.60 9.31 0.51
C GLY B 12 -26.98 9.18 1.98
N ALA B 13 -27.54 10.25 2.55
CA ALA B 13 -27.83 10.34 4.00
C ALA B 13 -29.07 9.59 4.53
N SER B 14 -29.84 8.93 3.69
CA SER B 14 -31.12 8.43 4.13
C SER B 14 -30.96 7.30 5.13
N ARG B 15 -29.95 6.47 4.95
CA ARG B 15 -29.82 5.33 5.83
C ARG B 15 -28.38 4.86 6.06
N GLY B 16 -28.22 3.99 7.04
CA GLY B 16 -26.95 3.40 7.33
C GLY B 16 -25.84 4.40 7.63
N ILE B 17 -24.74 4.23 6.91
CA ILE B 17 -23.54 4.99 7.15
C ILE B 17 -23.76 6.47 6.96
N GLY B 18 -24.49 6.79 5.90
CA GLY B 18 -24.81 8.16 5.58
C GLY B 18 -25.64 8.83 6.65
N ALA B 19 -26.66 8.14 7.15
CA ALA B 19 -27.55 8.70 8.18
C ALA B 19 -26.75 9.04 9.43
N ALA B 20 -25.89 8.10 9.82
CA ALA B 20 -25.07 8.20 11.02
C ALA B 20 -24.11 9.38 10.93
N ILE B 21 -23.53 9.58 9.76
CA ILE B 21 -22.62 10.71 9.52
C ILE B 21 -23.34 12.05 9.61
N ALA B 22 -24.52 12.13 9.04
CA ALA B 22 -25.24 13.39 9.01
C ALA B 22 -25.67 13.76 10.43
N GLN B 23 -26.15 12.76 11.17
CA GLN B 23 -26.55 12.98 12.55
C GLN B 23 -25.36 13.43 13.42
N GLN B 24 -24.25 12.74 13.25
CA GLN B 24 -23.08 13.03 14.06
C GLN B 24 -22.57 14.42 13.75
N LEU B 25 -22.61 14.83 12.48
CA LEU B 25 -22.18 16.16 12.13
C LEU B 25 -23.12 17.22 12.68
N ILE B 26 -24.31 16.82 13.06
CA ILE B 26 -25.22 17.76 13.67
C ILE B 26 -24.72 17.99 15.07
N GLN B 27 -24.52 16.89 15.79
CA GLN B 27 -24.01 16.92 17.14
C GLN B 27 -22.72 17.71 17.21
N ASP B 28 -21.95 17.67 16.14
CA ASP B 28 -20.69 18.41 16.09
C ASP B 28 -20.90 19.89 15.94
N GLY B 29 -22.14 20.33 15.69
CA GLY B 29 -22.40 21.76 15.46
C GLY B 29 -22.46 22.24 14.01
N TYR B 30 -22.62 21.31 13.07
CA TYR B 30 -22.72 21.70 11.66
C TYR B 30 -24.16 21.80 11.27
N PHE B 31 -24.51 22.76 10.41
CA PHE B 31 -25.79 22.62 9.72
C PHE B 31 -25.65 21.69 8.52
N VAL B 32 -26.48 20.66 8.51
CA VAL B 32 -26.29 19.54 7.62
C VAL B 32 -27.39 19.39 6.59
N VAL B 33 -26.99 19.46 5.33
CA VAL B 33 -27.83 19.13 4.22
C VAL B 33 -27.57 17.69 3.82
N GLY B 34 -28.55 16.81 3.98
CA GLY B 34 -28.40 15.42 3.61
C GLY B 34 -29.20 15.24 2.34
N THR B 35 -28.80 14.31 1.46
CA THR B 35 -29.54 14.12 0.25
C THR B 35 -29.96 12.69 0.09
N ALA B 36 -30.98 12.48 -0.74
CA ALA B 36 -31.43 11.14 -1.07
C ALA B 36 -31.80 11.15 -2.53
N THR B 37 -31.97 9.97 -3.09
CA THR B 37 -32.25 9.81 -4.51
C THR B 37 -33.59 10.39 -4.96
N SER B 38 -34.60 10.31 -4.09
CA SER B 38 -35.98 10.69 -4.43
C SER B 38 -36.56 11.63 -3.38
N GLU B 39 -37.59 12.39 -3.76
CA GLU B 39 -38.16 13.44 -2.91
C GLU B 39 -38.83 12.90 -1.64
N SER B 40 -39.27 11.65 -1.66
CA SER B 40 -39.72 11.02 -0.43
C SER B 40 -38.61 11.13 0.60
N GLY B 41 -37.40 10.75 0.17
CA GLY B 41 -36.22 10.68 1.02
C GLY B 41 -35.77 12.02 1.54
N ALA B 42 -35.84 13.05 0.71
CA ALA B 42 -35.35 14.37 1.12
C ALA B 42 -36.20 15.00 2.23
N GLN B 43 -37.52 14.84 2.17
CA GLN B 43 -38.37 15.44 3.19
C GLN B 43 -38.16 14.81 4.57
N LYS B 44 -37.97 13.49 4.62
CA LYS B 44 -37.67 12.83 5.90
C LYS B 44 -36.43 13.46 6.51
N LEU B 45 -35.44 13.65 5.67
CA LEU B 45 -34.20 14.25 6.10
C LEU B 45 -34.49 15.62 6.68
N THR B 46 -35.46 16.31 6.08
CA THR B 46 -35.86 17.64 6.53
C THR B 46 -36.38 17.55 7.97
N ASP B 47 -37.13 16.48 8.20
CA ASP B 47 -37.67 16.15 9.50
C ASP B 47 -36.62 15.68 10.49
N SER B 48 -35.80 14.72 10.09
CA SER B 48 -34.79 14.21 11.00
C SER B 48 -33.95 15.34 11.54
N PHE B 49 -33.92 16.48 10.84
CA PHE B 49 -33.21 17.69 11.29
C PHE B 49 -34.17 18.88 11.39
N GLY B 50 -33.71 19.99 11.96
CA GLY B 50 -34.56 21.16 12.07
C GLY B 50 -33.90 22.24 12.87
N ALA B 54 -31.70 20.36 6.89
CA ALA B 54 -32.32 20.57 5.57
C ALA B 54 -31.99 19.43 4.59
N GLY B 55 -33.01 18.75 4.08
CA GLY B 55 -32.84 17.65 3.12
C GLY B 55 -33.20 18.00 1.67
N LEU B 56 -32.39 17.55 0.72
CA LEU B 56 -32.66 17.77 -0.69
C LEU B 56 -32.58 16.49 -1.48
N ALA B 57 -33.37 16.40 -2.54
CA ALA B 57 -33.34 15.22 -3.39
C ALA B 57 -32.23 15.45 -4.38
N LEU B 58 -31.38 14.44 -4.56
CA LEU B 58 -30.33 14.54 -5.54
C LEU B 58 -30.05 13.20 -6.15
N ASP B 59 -29.96 13.19 -7.48
CA ASP B 59 -29.48 12.05 -8.20
C ASP B 59 -28.04 12.38 -8.51
N VAL B 60 -27.10 11.60 -7.97
CA VAL B 60 -25.70 11.96 -8.09
C VAL B 60 -25.25 11.75 -9.52
N ARG B 61 -26.04 11.02 -10.32
CA ARG B 61 -25.70 10.80 -11.72
C ARG B 61 -25.85 11.99 -12.63
N ASN B 62 -26.58 13.02 -12.19
CA ASN B 62 -26.89 14.15 -13.07
C ASN B 62 -26.17 15.43 -12.73
N LEU B 63 -25.41 15.95 -13.68
CA LEU B 63 -24.68 17.20 -13.47
C LEU B 63 -25.58 18.40 -13.16
N ASP B 64 -26.73 18.49 -13.83
CA ASP B 64 -27.58 19.65 -13.65
C ASP B 64 -28.23 19.64 -12.29
N GLU B 65 -28.56 18.46 -11.78
CA GLU B 65 -29.09 18.37 -10.43
C GLU B 65 -28.03 18.80 -9.43
N ILE B 66 -26.81 18.33 -9.64
CA ILE B 66 -25.73 18.66 -8.76
C ILE B 66 -25.55 20.17 -8.74
N GLU B 67 -25.58 20.79 -9.92
CA GLU B 67 -25.45 22.25 -9.97
C GLU B 67 -26.63 22.91 -9.31
N ALA B 68 -27.82 22.32 -9.44
CA ALA B 68 -29.02 22.89 -8.82
C ALA B 68 -28.89 22.95 -7.31
N VAL B 69 -28.53 21.82 -6.71
CA VAL B 69 -28.48 21.70 -5.26
C VAL B 69 -27.42 22.58 -4.62
N VAL B 70 -26.21 22.55 -5.17
CA VAL B 70 -25.14 23.34 -4.58
C VAL B 70 -25.41 24.85 -4.73
N SER B 71 -25.88 25.27 -5.90
CA SER B 71 -26.18 26.69 -6.15
C SER B 71 -27.24 27.15 -5.18
N HIS B 72 -28.26 26.31 -5.01
CA HIS B 72 -29.28 26.58 -4.04
C HIS B 72 -28.72 26.74 -2.62
N ILE B 73 -27.89 25.81 -2.17
CA ILE B 73 -27.41 25.83 -0.80
C ILE B 73 -26.59 27.09 -0.54
N GLU B 74 -25.79 27.50 -1.51
CA GLU B 74 -24.97 28.68 -1.27
C GLU B 74 -25.81 29.93 -1.13
N GLN B 75 -26.97 29.96 -1.78
CA GLN B 75 -27.83 31.13 -1.74
C GLN B 75 -28.44 31.17 -0.36
N ASN B 76 -29.10 30.05 -0.02
CA ASN B 76 -29.84 29.93 1.21
C ASN B 76 -29.09 29.85 2.52
N TYR B 77 -28.17 28.90 2.63
CA TYR B 77 -27.56 28.63 3.93
C TYR B 77 -26.13 29.09 4.07
N GLY B 78 -25.30 28.77 3.11
CA GLY B 78 -23.94 29.26 3.11
C GLY B 78 -23.14 28.30 2.25
N PRO B 79 -21.88 28.67 1.92
CA PRO B 79 -21.05 27.84 1.09
C PRO B 79 -20.77 26.48 1.75
N VAL B 80 -20.74 25.40 0.97
CA VAL B 80 -20.46 24.07 1.51
C VAL B 80 -19.01 24.05 1.94
N LEU B 81 -18.79 23.71 3.21
CA LEU B 81 -17.45 23.68 3.78
C LEU B 81 -17.02 22.28 4.26
N VAL B 82 -17.98 21.39 4.46
CA VAL B 82 -17.67 20.00 4.66
C VAL B 82 -18.44 19.20 3.61
N LEU B 83 -17.74 18.46 2.76
CA LEU B 83 -18.44 17.63 1.78
C LEU B 83 -18.18 16.16 2.04
N VAL B 84 -19.22 15.39 2.29
CA VAL B 84 -19.05 13.96 2.49
C VAL B 84 -19.67 13.23 1.33
N ASN B 85 -18.83 12.59 0.51
CA ASN B 85 -19.36 11.83 -0.61
C ASN B 85 -19.60 10.42 -0.21
N ASN B 86 -20.85 10.06 0.04
CA ASN B 86 -21.16 8.70 0.47
C ASN B 86 -22.16 8.06 -0.49
N ALA B 87 -21.86 6.84 -0.90
CA ALA B 87 -22.71 6.08 -1.82
C ALA B 87 -22.57 4.62 -1.47
N GLY B 88 -23.67 3.87 -1.50
CA GLY B 88 -23.63 2.46 -1.09
C GLY B 88 -24.07 1.49 -2.15
N ILE B 89 -24.64 1.99 -3.23
CA ILE B 89 -25.25 1.13 -4.23
C ILE B 89 -24.20 0.19 -4.86
N THR B 90 -24.58 -1.06 -5.04
CA THR B 90 -23.72 -2.04 -5.69
C THR B 90 -24.48 -2.69 -6.82
N LYS B 91 -23.74 -3.23 -7.78
CA LYS B 91 -24.32 -3.98 -8.86
C LYS B 91 -23.37 -5.08 -9.23
N ASP B 92 -23.14 -5.98 -8.28
CA ASP B 92 -22.19 -7.07 -8.41
C ASP B 92 -22.52 -8.05 -9.52
N ASN B 93 -21.48 -8.46 -10.23
CA ASN B 93 -21.61 -9.50 -11.21
C ASN B 93 -20.24 -9.92 -11.67
N LEU B 94 -20.14 -11.17 -12.07
CA LEU B 94 -18.90 -11.66 -12.59
C LEU B 94 -18.70 -10.89 -13.84
N LEU B 95 -17.46 -10.69 -14.24
CA LEU B 95 -17.19 -9.86 -15.42
C LEU B 95 -17.91 -10.32 -16.67
N LEU B 96 -17.98 -11.62 -16.88
CA LEU B 96 -18.64 -12.16 -18.07
C LEU B 96 -20.12 -11.80 -18.09
N ARG B 97 -20.69 -11.65 -16.89
CA ARG B 97 -22.09 -11.28 -16.72
C ARG B 97 -22.34 -9.81 -16.36
N MET B 98 -21.32 -8.97 -16.42
CA MET B 98 -21.45 -7.55 -16.04
C MET B 98 -21.61 -6.68 -17.27
N SER B 99 -22.74 -6.00 -17.37
CA SER B 99 -23.01 -5.23 -18.56
C SER B 99 -22.31 -3.87 -18.52
N GLU B 100 -22.29 -3.23 -19.68
CA GLU B 100 -21.79 -1.87 -19.82
C GLU B 100 -22.55 -0.93 -18.91
N ASP B 101 -23.85 -1.14 -18.83
CA ASP B 101 -24.67 -0.32 -17.99
C ASP B 101 -24.31 -0.58 -16.57
N ASP B 102 -24.02 -1.83 -16.23
CA ASP B 102 -23.68 -2.16 -14.85
C ASP B 102 -22.35 -1.49 -14.50
N TRP B 103 -21.43 -1.47 -15.46
CA TRP B 103 -20.15 -0.83 -15.25
C TRP B 103 -20.29 0.71 -15.11
N ASP B 104 -20.93 1.35 -16.08
CA ASP B 104 -21.06 2.80 -16.11
C ASP B 104 -21.82 3.39 -14.92
N ASP B 105 -22.89 2.72 -14.52
CA ASP B 105 -23.70 3.19 -13.43
C ASP B 105 -22.90 3.33 -12.15
N ILE B 106 -22.16 2.28 -11.80
CA ILE B 106 -21.41 2.28 -10.57
C ILE B 106 -20.25 3.25 -10.66
N LEU B 107 -19.57 3.31 -11.80
CA LEU B 107 -18.52 4.30 -11.97
C LEU B 107 -19.05 5.71 -11.89
N ASN B 108 -20.26 5.94 -12.38
CA ASN B 108 -20.84 7.25 -12.35
C ASN B 108 -21.24 7.67 -10.94
N ILE B 109 -21.97 6.81 -10.25
CA ILE B 109 -22.50 7.12 -8.93
C ILE B 109 -21.41 7.26 -7.88
N HIS B 110 -20.38 6.43 -7.95
CA HIS B 110 -19.32 6.47 -6.95
C HIS B 110 -18.20 7.42 -7.30
N LEU B 111 -17.52 7.16 -8.41
CA LEU B 111 -16.39 7.99 -8.76
C LEU B 111 -16.70 9.34 -9.44
N LYS B 112 -17.53 9.38 -10.49
CA LYS B 112 -17.76 10.66 -11.17
C LYS B 112 -18.41 11.66 -10.24
N ALA B 113 -19.35 11.20 -9.42
CA ALA B 113 -20.03 12.10 -8.50
C ALA B 113 -19.04 12.81 -7.58
N VAL B 114 -17.99 12.10 -7.15
CA VAL B 114 -16.99 12.67 -6.29
C VAL B 114 -16.26 13.75 -7.04
N TYR B 115 -15.95 13.49 -8.30
CA TYR B 115 -15.30 14.52 -9.12
C TYR B 115 -16.14 15.78 -9.26
N ARG B 116 -17.42 15.62 -9.55
CA ARG B 116 -18.27 16.75 -9.86
C ARG B 116 -18.55 17.58 -8.60
N LEU B 117 -18.94 16.95 -7.50
CA LEU B 117 -19.17 17.68 -6.27
C LEU B 117 -17.89 18.24 -5.67
N SER B 118 -16.79 17.51 -5.73
CA SER B 118 -15.56 18.06 -5.21
C SER B 118 -15.18 19.29 -6.04
N LYS B 119 -15.36 19.22 -7.35
CA LYS B 119 -15.05 20.36 -8.23
C LYS B 119 -15.89 21.59 -7.89
N ARG B 120 -17.15 21.32 -7.64
CA ARG B 120 -18.11 22.35 -7.46
C ARG B 120 -17.91 23.13 -6.16
N VAL B 121 -17.61 22.44 -5.06
CA VAL B 121 -17.48 23.10 -3.75
C VAL B 121 -16.18 23.86 -3.51
N LEU B 122 -15.16 23.63 -4.33
CA LEU B 122 -13.85 24.22 -4.12
C LEU B 122 -13.89 25.75 -3.93
N LYS B 123 -14.81 26.39 -4.64
CA LYS B 123 -14.90 27.84 -4.64
C LYS B 123 -15.18 28.36 -3.24
N GLY B 124 -16.22 27.85 -2.62
CA GLY B 124 -16.57 28.23 -1.25
C GLY B 124 -15.42 27.93 -0.30
N MET B 125 -14.83 26.77 -0.43
CA MET B 125 -13.77 26.40 0.48
C MET B 125 -12.57 27.29 0.31
N THR B 126 -12.23 27.64 -0.91
CA THR B 126 -11.06 28.47 -1.12
C THR B 126 -11.22 29.88 -0.52
N LYS B 127 -12.39 30.48 -0.70
CA LYS B 127 -12.65 31.79 -0.14
C LYS B 127 -12.60 31.72 1.38
N ALA B 128 -13.20 30.66 1.91
CA ALA B 128 -13.35 30.49 3.35
C ALA B 128 -12.07 30.21 4.14
N ARG B 129 -10.98 29.86 3.47
CA ARG B 129 -9.72 29.49 4.16
C ARG B 129 -9.85 28.15 4.87
N PHE B 130 -10.91 27.41 4.58
CA PHE B 130 -11.13 26.21 5.33
C PHE B 130 -11.96 25.25 4.50
N GLY B 131 -11.64 23.97 4.58
CA GLY B 131 -12.37 22.97 3.80
C GLY B 131 -12.18 21.53 4.23
N ARG B 132 -13.26 20.77 4.28
CA ARG B 132 -13.16 19.34 4.47
C ARG B 132 -13.89 18.62 3.37
N ILE B 133 -13.15 17.86 2.57
CA ILE B 133 -13.74 16.90 1.65
C ILE B 133 -13.39 15.52 2.18
N ILE B 134 -14.41 14.71 2.48
CA ILE B 134 -14.21 13.40 3.04
C ILE B 134 -14.92 12.37 2.18
N ASN B 135 -14.17 11.53 1.48
CA ASN B 135 -14.73 10.60 0.56
C ASN B 135 -14.85 9.20 1.16
N ILE B 136 -16.01 8.58 1.07
CA ILE B 136 -16.19 7.26 1.65
C ILE B 136 -15.86 6.19 0.62
N SER B 137 -14.82 5.44 0.91
CA SER B 137 -14.35 4.44 -0.03
C SER B 137 -14.78 3.10 0.53
N SER B 138 -13.94 2.08 0.45
CA SER B 138 -14.20 0.80 1.07
C SER B 138 -12.95 -0.08 1.09
N VAL B 139 -12.98 -1.09 1.96
CA VAL B 139 -11.89 -2.05 2.01
C VAL B 139 -11.77 -2.91 0.75
N VAL B 140 -12.82 -2.99 -0.06
CA VAL B 140 -12.74 -3.78 -1.27
C VAL B 140 -11.90 -3.11 -2.35
N ALA B 141 -11.53 -1.86 -2.13
CA ALA B 141 -10.61 -1.23 -3.00
C ALA B 141 -9.31 -2.00 -2.90
N HIS B 142 -9.07 -2.59 -1.74
CA HIS B 142 -7.84 -3.34 -1.53
C HIS B 142 -8.01 -4.85 -1.43
N PHE B 143 -9.22 -5.35 -1.17
CA PHE B 143 -9.41 -6.78 -1.11
C PHE B 143 -10.19 -7.25 -2.30
N ALA B 144 -9.59 -8.17 -3.03
CA ALA B 144 -10.23 -8.74 -4.18
C ALA B 144 -11.45 -9.54 -3.70
N ASN B 145 -12.61 -9.23 -4.27
CA ASN B 145 -13.80 -10.01 -4.06
C ASN B 145 -14.45 -10.17 -5.41
N PRO B 146 -14.83 -11.43 -5.80
CA PRO B 146 -15.37 -11.57 -7.16
C PRO B 146 -16.75 -10.95 -7.32
N GLY B 147 -17.07 -10.56 -8.55
CA GLY B 147 -18.31 -9.88 -8.83
C GLY B 147 -18.32 -8.42 -8.41
N GLN B 148 -17.18 -7.92 -7.95
CA GLN B 148 -17.07 -6.54 -7.51
C GLN B 148 -16.05 -5.77 -8.33
N ALA B 149 -15.88 -6.13 -9.60
CA ALA B 149 -14.90 -5.45 -10.39
C ALA B 149 -15.21 -3.95 -10.42
N ASN B 150 -16.45 -3.63 -10.72
CA ASN B 150 -16.86 -2.24 -10.92
C ASN B 150 -16.78 -1.45 -9.62
N TYR B 151 -17.28 -2.06 -8.54
CA TYR B 151 -17.30 -1.40 -7.26
C TYR B 151 -15.87 -1.15 -6.77
N SER B 152 -15.01 -2.15 -6.93
CA SER B 152 -13.63 -2.03 -6.47
C SER B 152 -12.82 -0.96 -7.14
N ALA B 153 -12.96 -0.92 -8.45
CA ALA B 153 -12.29 0.05 -9.26
C ALA B 153 -12.72 1.47 -8.89
N ALA B 154 -14.01 1.66 -8.67
CA ALA B 154 -14.55 2.96 -8.35
C ALA B 154 -13.97 3.44 -7.05
N LYS B 155 -13.99 2.58 -6.04
CA LYS B 155 -13.45 2.97 -4.75
C LYS B 155 -11.95 3.22 -4.76
N ALA B 156 -11.20 2.44 -5.53
CA ALA B 156 -9.76 2.67 -5.64
C ALA B 156 -9.51 4.02 -6.32
N GLY B 157 -10.22 4.30 -7.38
CA GLY B 157 -10.16 5.56 -8.06
C GLY B 157 -10.43 6.73 -7.13
N ILE B 158 -11.38 6.62 -6.21
CA ILE B 158 -11.69 7.71 -5.29
C ILE B 158 -10.53 8.01 -4.40
N GLU B 159 -9.89 6.96 -3.92
CA GLU B 159 -8.78 7.18 -3.00
C GLU B 159 -7.65 7.91 -3.74
N ALA B 160 -7.39 7.51 -4.99
CA ALA B 160 -6.29 8.15 -5.78
C ALA B 160 -6.59 9.60 -6.08
N PHE B 161 -7.85 9.85 -6.44
CA PHE B 161 -8.37 11.15 -6.72
C PHE B 161 -8.16 12.05 -5.51
N SER B 162 -8.50 11.55 -4.33
CA SER B 162 -8.32 12.32 -3.10
C SER B 162 -6.89 12.74 -2.87
N ARG B 163 -5.94 11.89 -3.19
CA ARG B 163 -4.56 12.24 -2.95
C ARG B 163 -4.12 13.39 -3.86
N SER B 164 -4.49 13.30 -5.12
CA SER B 164 -4.19 14.36 -6.07
C SER B 164 -4.82 15.64 -5.69
N LEU B 165 -6.08 15.61 -5.31
CA LEU B 165 -6.78 16.82 -4.99
C LEU B 165 -6.19 17.42 -3.72
N ALA B 166 -5.75 16.55 -2.81
CA ALA B 166 -5.13 17.04 -1.59
C ALA B 166 -3.88 17.88 -1.89
N LYS B 167 -3.04 17.43 -2.83
CA LYS B 167 -1.87 18.21 -3.19
C LYS B 167 -2.22 19.58 -3.74
N GLU B 168 -3.21 19.61 -4.62
CA GLU B 168 -3.57 20.83 -5.32
C GLU B 168 -4.14 21.91 -4.44
N MET B 169 -4.97 21.52 -3.46
CA MET B 169 -5.73 22.50 -2.66
C MET B 169 -5.14 22.73 -1.29
N GLY B 170 -4.03 22.07 -0.97
CA GLY B 170 -3.47 22.17 0.36
C GLY B 170 -3.10 23.60 0.73
N SER B 171 -2.58 24.36 -0.24
CA SER B 171 -2.22 25.75 -0.03
C SER B 171 -3.37 26.54 0.55
N ARG B 172 -4.57 26.15 0.17
CA ARG B 172 -5.75 26.87 0.56
C ARG B 172 -6.38 26.30 1.81
N GLN B 173 -5.62 25.48 2.54
CA GLN B 173 -6.09 24.94 3.82
C GLN B 173 -7.32 24.06 3.73
N ILE B 174 -7.42 23.30 2.65
CA ILE B 174 -8.52 22.39 2.44
C ILE B 174 -7.97 20.97 2.54
N THR B 175 -8.62 20.12 3.33
CA THR B 175 -8.12 18.76 3.47
C THR B 175 -9.05 17.86 2.74
N VAL B 176 -8.49 16.84 2.12
CA VAL B 176 -9.24 15.86 1.35
C VAL B 176 -8.78 14.48 1.78
N ASN B 177 -9.67 13.68 2.37
CA ASN B 177 -9.34 12.38 2.85
C ASN B 177 -10.38 11.34 2.46
N SER B 178 -10.02 10.08 2.58
CA SER B 178 -10.95 9.01 2.34
C SER B 178 -11.05 8.27 3.63
N VAL B 179 -12.21 7.67 3.87
CA VAL B 179 -12.43 6.78 4.98
C VAL B 179 -12.87 5.46 4.36
N ALA B 180 -12.29 4.36 4.78
CA ALA B 180 -12.56 3.12 4.09
C ALA B 180 -13.09 2.13 5.11
N PRO B 181 -14.40 1.96 5.11
CA PRO B 181 -15.05 0.99 5.98
C PRO B 181 -14.79 -0.44 5.57
N GLY B 182 -14.87 -1.31 6.55
CA GLY B 182 -14.66 -2.72 6.32
C GLY B 182 -15.98 -3.38 6.16
N PHE B 183 -16.11 -4.57 6.73
CA PHE B 183 -17.39 -5.24 6.80
C PHE B 183 -18.24 -4.47 7.81
N ILE B 184 -19.25 -3.77 7.33
CA ILE B 184 -20.12 -3.04 8.22
C ILE B 184 -21.52 -3.65 8.14
N ALA B 185 -22.15 -3.82 9.30
CA ALA B 185 -23.48 -4.42 9.38
C ALA B 185 -24.50 -3.52 8.72
N THR B 186 -25.25 -4.08 7.76
CA THR B 186 -26.41 -3.44 7.13
C THR B 186 -26.60 -4.03 5.73
N SER B 193 -26.97 -13.95 5.87
CA SER B 193 -26.76 -15.34 6.29
C SER B 193 -25.78 -15.34 7.43
N GLU B 194 -26.08 -16.10 8.47
CA GLU B 194 -25.26 -16.18 9.67
C GLU B 194 -23.87 -16.75 9.33
N ASP B 195 -23.81 -17.74 8.46
CA ASP B 195 -22.54 -18.35 8.11
C ASP B 195 -21.68 -17.34 7.36
N ILE B 196 -22.31 -16.57 6.49
CA ILE B 196 -21.59 -15.57 5.74
C ILE B 196 -21.01 -14.60 6.75
N ARG B 197 -21.84 -14.23 7.72
CA ARG B 197 -21.39 -13.32 8.76
C ARG B 197 -20.19 -13.88 9.53
N LYS B 198 -20.22 -15.15 9.91
CA LYS B 198 -19.11 -15.70 10.69
C LYS B 198 -17.85 -15.79 9.85
N LYS B 199 -17.99 -16.09 8.57
CA LYS B 199 -16.79 -16.14 7.76
C LYS B 199 -16.20 -14.75 7.65
N MET B 200 -17.02 -13.71 7.52
CA MET B 200 -16.49 -12.36 7.49
C MET B 200 -15.79 -12.06 8.83
N SER B 201 -16.44 -12.40 9.95
CA SER B 201 -15.88 -12.15 11.28
C SER B 201 -14.52 -12.76 11.54
N ASP B 202 -14.33 -13.99 11.08
CA ASP B 202 -13.06 -14.73 11.27
C ASP B 202 -11.87 -13.97 10.72
N GLN B 203 -12.11 -13.17 9.68
CA GLN B 203 -11.07 -12.39 9.03
C GLN B 203 -10.73 -11.12 9.79
N VAL B 204 -11.67 -10.58 10.55
CA VAL B 204 -11.46 -9.33 11.24
C VAL B 204 -10.70 -9.59 12.53
N ALA B 205 -9.64 -8.85 12.79
CA ALA B 205 -8.86 -9.07 13.99
C ALA B 205 -9.70 -8.80 15.24
N LEU B 206 -10.54 -7.78 15.19
CA LEU B 206 -11.39 -7.44 16.32
C LEU B 206 -12.50 -8.43 16.51
N ASN B 207 -12.66 -9.34 15.55
CA ASN B 207 -13.63 -10.43 15.60
C ASN B 207 -15.09 -10.02 15.65
N ARG B 208 -15.46 -9.07 14.82
CA ARG B 208 -16.83 -8.64 14.76
C ARG B 208 -16.98 -7.76 13.54
N LEU B 209 -18.22 -7.45 13.19
CA LEU B 209 -18.52 -6.55 12.08
C LEU B 209 -18.68 -5.13 12.60
N GLY B 210 -18.61 -4.18 11.67
CA GLY B 210 -18.70 -2.78 12.05
C GLY B 210 -20.13 -2.27 12.10
N GLU B 211 -20.28 -1.06 12.62
CA GLU B 211 -21.56 -0.42 12.71
C GLU B 211 -21.41 0.96 12.09
N PRO B 212 -22.49 1.53 11.52
CA PRO B 212 -22.30 2.85 10.90
C PRO B 212 -21.73 3.89 11.84
N GLN B 213 -22.04 3.78 13.12
CA GLN B 213 -21.54 4.78 14.04
C GLN B 213 -20.00 4.85 13.98
N ASP B 214 -19.35 3.72 13.71
CA ASP B 214 -17.89 3.68 13.71
C ASP B 214 -17.34 4.59 12.61
N ILE B 215 -17.95 4.53 11.44
CA ILE B 215 -17.59 5.38 10.32
C ILE B 215 -17.91 6.83 10.63
N ALA B 216 -19.09 7.07 11.20
CA ALA B 216 -19.49 8.44 11.55
C ALA B 216 -18.48 9.07 12.47
N ASN B 217 -17.98 8.28 13.43
CA ASN B 217 -17.01 8.77 14.38
C ASN B 217 -15.74 9.21 13.72
N ALA B 218 -15.28 8.43 12.74
CA ALA B 218 -14.05 8.77 12.03
C ALA B 218 -14.26 9.97 11.14
N VAL B 219 -15.41 10.04 10.46
CA VAL B 219 -15.67 11.17 9.56
C VAL B 219 -15.78 12.44 10.37
N SER B 220 -16.46 12.37 11.51
CA SER B 220 -16.50 13.51 12.44
C SER B 220 -15.11 14.00 12.85
N PHE B 221 -14.22 13.06 13.16
CA PHE B 221 -12.87 13.42 13.53
C PHE B 221 -12.21 14.18 12.40
N LEU B 222 -12.30 13.62 11.21
CA LEU B 222 -11.65 14.21 10.05
C LEU B 222 -12.25 15.57 9.74
N ALA B 223 -13.55 15.70 10.01
CA ALA B 223 -14.27 16.92 9.66
C ALA B 223 -13.92 18.07 10.61
N SER B 224 -13.37 17.77 11.79
CA SER B 224 -13.14 18.75 12.84
C SER B 224 -11.84 19.55 12.70
N ASP B 225 -11.64 20.52 13.60
CA ASP B 225 -10.37 21.26 13.74
C ASP B 225 -9.25 20.39 14.35
N LYS B 226 -9.64 19.27 14.95
CA LYS B 226 -8.67 18.34 15.50
C LYS B 226 -7.85 17.58 14.44
N ALA B 227 -8.29 17.67 13.19
CA ALA B 227 -7.67 16.95 12.09
C ALA B 227 -7.23 17.91 11.01
N GLY B 228 -6.82 19.11 11.41
CA GLY B 228 -6.44 20.14 10.50
C GLY B 228 -5.17 19.87 9.78
N TYR B 229 -4.33 18.99 10.31
CA TYR B 229 -3.08 18.66 9.65
C TYR B 229 -3.10 17.31 8.96
N ILE B 230 -4.29 16.73 8.79
CA ILE B 230 -4.38 15.42 8.13
C ILE B 230 -4.98 15.62 6.76
N THR B 231 -4.21 15.29 5.73
CA THR B 231 -4.75 15.38 4.40
C THR B 231 -4.14 14.36 3.46
N GLY B 232 -4.92 14.00 2.46
CA GLY B 232 -4.46 13.07 1.45
C GLY B 232 -4.30 11.67 1.96
N THR B 233 -5.03 11.32 3.02
CA THR B 233 -4.86 10.00 3.59
C THR B 233 -6.14 9.14 3.48
N VAL B 234 -5.97 7.84 3.53
CA VAL B 234 -7.07 6.91 3.70
C VAL B 234 -7.12 6.50 5.18
N LEU B 235 -8.19 6.82 5.88
CA LEU B 235 -8.31 6.34 7.24
C LEU B 235 -9.11 5.05 7.24
N HIS B 236 -8.49 3.93 7.54
CA HIS B 236 -9.16 2.62 7.53
C HIS B 236 -9.90 2.34 8.80
N VAL B 237 -11.15 1.89 8.68
CA VAL B 237 -12.00 1.61 9.84
C VAL B 237 -12.57 0.24 9.59
N ASN B 238 -11.75 -0.80 9.76
CA ASN B 238 -12.17 -2.17 9.44
C ASN B 238 -11.75 -3.23 10.47
N GLY B 239 -11.48 -2.82 11.70
CA GLY B 239 -11.05 -3.73 12.75
C GLY B 239 -9.91 -4.69 12.45
N GLY B 240 -8.95 -4.31 11.61
CA GLY B 240 -7.84 -5.20 11.33
C GLY B 240 -8.07 -6.18 10.21
N LEU B 241 -9.15 -5.99 9.47
CA LEU B 241 -9.41 -6.77 8.28
C LEU B 241 -8.32 -6.55 7.25
N TYR B 242 -7.90 -5.30 7.13
CA TYR B 242 -6.85 -4.94 6.22
C TYR B 242 -5.98 -3.91 6.91
N MET B 243 -4.69 -4.19 6.97
CA MET B 243 -3.77 -3.34 7.69
C MET B 243 -2.79 -2.74 6.71
N ALA B 244 -2.70 -1.42 6.77
CA ALA B 244 -1.86 -0.63 5.90
C ALA B 244 -2.46 0.77 5.95
N GLN C 3 -7.78 6.23 43.42
CA GLN C 3 -7.90 6.98 42.14
C GLN C 3 -8.82 6.22 41.14
N GLU C 4 -9.88 6.92 40.70
CA GLU C 4 -10.99 6.34 39.93
C GLU C 4 -10.82 6.13 38.42
N ARG C 5 -10.13 7.04 37.75
CA ARG C 5 -10.10 7.05 36.29
C ARG C 5 -9.28 5.91 35.68
N LYS C 6 -9.50 5.66 34.40
CA LYS C 6 -8.65 4.75 33.70
C LYS C 6 -7.25 5.36 33.57
N VAL C 7 -6.24 4.50 33.62
CA VAL C 7 -4.86 4.94 33.62
C VAL C 7 -4.25 4.81 32.23
N ALA C 8 -3.57 5.86 31.82
CA ALA C 8 -2.90 5.93 30.55
C ALA C 8 -1.46 6.13 30.87
N LEU C 9 -0.60 5.41 30.18
CA LEU C 9 0.82 5.53 30.42
C LEU C 9 1.48 6.07 29.17
N VAL C 10 2.15 7.20 29.30
CA VAL C 10 2.84 7.80 28.17
C VAL C 10 4.35 7.85 28.39
N THR C 11 5.09 7.02 27.65
CA THR C 11 6.55 7.05 27.77
C THR C 11 7.15 8.33 27.10
N GLY C 12 8.24 8.83 27.66
CA GLY C 12 8.87 10.07 27.17
C GLY C 12 7.94 11.28 27.08
N ALA C 13 7.23 11.58 28.16
CA ALA C 13 6.26 12.66 28.19
C ALA C 13 6.85 14.01 28.55
N SER C 14 8.16 14.12 28.53
CA SER C 14 8.86 15.33 28.96
C SER C 14 8.62 16.61 28.20
N ARG C 15 8.66 16.55 26.86
CA ARG C 15 8.51 17.76 26.11
C ARG C 15 7.97 17.47 24.73
N GLY C 16 7.59 18.54 24.04
CA GLY C 16 7.05 18.44 22.68
C GLY C 16 5.83 17.55 22.55
N ILE C 17 5.94 16.56 21.68
CA ILE C 17 4.82 15.69 21.38
C ILE C 17 4.40 14.88 22.59
N GLY C 18 5.38 14.37 23.32
CA GLY C 18 5.09 13.55 24.50
C GLY C 18 4.31 14.35 25.51
N ALA C 19 4.77 15.59 25.73
CA ALA C 19 4.14 16.46 26.72
C ALA C 19 2.75 16.76 26.30
N ALA C 20 2.58 17.05 25.03
CA ALA C 20 1.27 17.43 24.52
C ALA C 20 0.27 16.30 24.57
N ILE C 21 0.73 15.09 24.28
CA ILE C 21 -0.13 13.89 24.30
C ILE C 21 -0.66 13.68 25.70
N ALA C 22 0.23 13.76 26.69
CA ALA C 22 -0.16 13.48 28.07
C ALA C 22 -1.12 14.51 28.59
N GLN C 23 -0.90 15.77 28.26
CA GLN C 23 -1.83 16.84 28.67
C GLN C 23 -3.23 16.65 28.11
N GLN C 24 -3.31 16.19 26.88
CA GLN C 24 -4.59 15.98 26.22
C GLN C 24 -5.34 14.83 26.84
N LEU C 25 -4.62 13.75 27.07
CA LEU C 25 -5.25 12.54 27.60
C LEU C 25 -5.86 12.89 28.94
N ILE C 26 -5.24 13.83 29.63
CA ILE C 26 -5.81 14.33 30.88
C ILE C 26 -7.13 15.07 30.66
N GLN C 27 -7.20 16.00 29.70
CA GLN C 27 -8.46 16.69 29.43
C GLN C 27 -9.48 15.65 29.05
N ASP C 28 -9.05 14.64 28.31
CA ASP C 28 -9.96 13.58 27.90
C ASP C 28 -10.50 12.86 29.09
N GLY C 29 -9.86 12.99 30.25
CA GLY C 29 -10.37 12.36 31.47
C GLY C 29 -9.64 11.10 31.95
N TYR C 30 -8.44 10.87 31.45
CA TYR C 30 -7.62 9.76 31.92
C TYR C 30 -6.71 10.23 33.04
N PHE C 31 -6.37 9.36 33.97
CA PHE C 31 -5.27 9.66 34.86
C PHE C 31 -3.98 9.26 34.12
N VAL C 32 -3.06 10.21 33.99
CA VAL C 32 -1.90 9.98 33.14
C VAL C 32 -0.61 9.90 33.89
N VAL C 33 0.14 8.83 33.62
CA VAL C 33 1.43 8.59 34.21
C VAL C 33 2.42 8.79 33.07
N GLY C 34 3.19 9.86 33.14
CA GLY C 34 4.11 10.21 32.10
C GLY C 34 5.48 9.84 32.60
N THR C 35 6.29 9.20 31.78
CA THR C 35 7.59 8.79 32.25
C THR C 35 8.73 9.54 31.58
N ALA C 36 9.77 9.81 32.36
CA ALA C 36 10.97 10.43 31.86
C ALA C 36 12.08 9.46 32.17
N THR C 37 13.23 9.67 31.55
CA THR C 37 14.36 8.77 31.77
C THR C 37 14.98 8.90 33.18
N SER C 38 15.10 10.14 33.68
CA SER C 38 15.77 10.40 34.97
C SER C 38 14.81 10.90 36.03
N GLU C 39 15.25 10.80 37.28
CA GLU C 39 14.45 11.20 38.41
C GLU C 39 14.16 12.69 38.38
N SER C 40 15.11 13.49 37.93
CA SER C 40 14.89 14.93 37.82
C SER C 40 13.80 15.18 36.79
N GLY C 41 13.83 14.39 35.71
CA GLY C 41 12.84 14.53 34.64
C GLY C 41 11.46 14.14 35.10
N ALA C 42 11.37 13.08 35.91
CA ALA C 42 10.09 12.59 36.39
C ALA C 42 9.53 13.56 37.40
N GLN C 43 10.40 14.24 38.13
CA GLN C 43 9.94 15.20 39.12
C GLN C 43 9.21 16.34 38.44
N LYS C 44 9.73 16.82 37.31
CA LYS C 44 9.06 17.87 36.55
C LYS C 44 7.65 17.47 36.12
N LEU C 45 7.48 16.25 35.64
CA LEU C 45 6.16 15.81 35.20
C LEU C 45 5.16 15.86 36.33
N THR C 46 5.56 15.35 37.48
CA THR C 46 4.72 15.33 38.65
C THR C 46 4.24 16.73 39.00
N ASP C 47 5.13 17.71 38.92
CA ASP C 47 4.78 19.09 39.18
C ASP C 47 3.71 19.62 38.22
N SER C 48 3.91 19.40 36.92
CA SER C 48 2.97 19.92 35.94
C SER C 48 1.66 19.12 35.81
N PHE C 49 1.64 17.79 35.94
CA PHE C 49 0.35 17.07 35.84
C PHE C 49 -0.52 17.35 37.07
N GLY C 50 0.12 17.60 38.19
CA GLY C 50 -0.62 17.89 39.40
C GLY C 50 -1.45 16.73 39.87
N GLU C 51 -2.69 17.04 40.27
CA GLU C 51 -3.59 16.04 40.82
C GLU C 51 -3.91 14.92 39.87
N GLN C 52 -3.97 15.21 38.57
CA GLN C 52 -4.43 14.18 37.63
C GLN C 52 -3.36 13.39 36.87
N GLY C 53 -2.17 13.29 37.47
CA GLY C 53 -1.10 12.52 36.89
C GLY C 53 0.02 12.27 37.89
N ALA C 54 1.10 11.66 37.38
CA ALA C 54 2.28 11.36 38.16
C ALA C 54 3.40 11.11 37.19
N GLY C 55 4.60 11.52 37.59
CA GLY C 55 5.80 11.29 36.82
C GLY C 55 6.63 10.19 37.43
N LEU C 56 6.98 9.20 36.63
CA LEU C 56 7.82 8.12 37.05
C LEU C 56 9.03 8.04 36.14
N ALA C 57 10.17 7.73 36.74
CA ALA C 57 11.39 7.61 35.98
C ALA C 57 11.42 6.23 35.36
N LEU C 58 11.74 6.15 34.07
CA LEU C 58 11.84 4.88 33.38
C LEU C 58 12.85 4.95 32.23
N ASP C 59 13.74 3.97 32.15
CA ASP C 59 14.64 3.83 31.00
C ASP C 59 14.06 2.65 30.26
N VAL C 60 13.43 2.90 29.12
CA VAL C 60 12.66 1.84 28.49
C VAL C 60 13.54 0.68 28.07
N ARG C 61 14.85 0.88 28.07
CA ARG C 61 15.79 -0.18 27.70
C ARG C 61 15.88 -1.37 28.63
N ASN C 62 15.69 -1.17 29.94
CA ASN C 62 15.85 -2.26 30.91
C ASN C 62 14.54 -2.94 31.18
N LEU C 63 14.50 -4.24 31.01
CA LEU C 63 13.28 -4.99 31.26
C LEU C 63 12.80 -4.97 32.72
N ASP C 64 13.71 -5.01 33.68
CA ASP C 64 13.31 -5.08 35.10
C ASP C 64 12.71 -3.76 35.52
N GLU C 65 13.26 -2.71 34.96
CA GLU C 65 12.72 -1.40 35.21
C GLU C 65 11.33 -1.29 34.59
N ILE C 66 11.12 -1.92 33.43
CA ILE C 66 9.80 -1.87 32.81
C ILE C 66 8.80 -2.54 33.75
N GLU C 67 9.17 -3.69 34.28
CA GLU C 67 8.25 -4.44 35.12
C GLU C 67 8.01 -3.76 36.45
N ALA C 68 9.04 -3.13 36.98
CA ALA C 68 8.91 -2.46 38.25
C ALA C 68 7.96 -1.30 38.13
N VAL C 69 8.01 -0.58 37.02
CA VAL C 69 7.21 0.66 36.88
C VAL C 69 5.74 0.36 36.67
N VAL C 70 5.44 -0.67 35.90
CA VAL C 70 4.07 -0.99 35.66
C VAL C 70 3.46 -1.55 36.93
N SER C 71 4.23 -2.34 37.68
CA SER C 71 3.75 -2.91 38.96
C SER C 71 3.45 -1.80 39.97
N HIS C 72 4.33 -0.83 40.05
CA HIS C 72 4.11 0.31 40.92
C HIS C 72 2.84 1.07 40.52
N ILE C 73 2.57 1.17 39.22
CA ILE C 73 1.36 1.83 38.75
C ILE C 73 0.14 0.96 39.04
N GLU C 74 0.30 -0.33 38.88
CA GLU C 74 -0.80 -1.25 39.10
C GLU C 74 -1.28 -1.17 40.55
N GLN C 75 -0.33 -1.05 41.45
CA GLN C 75 -0.59 -0.98 42.87
C GLN C 75 -1.19 0.38 43.34
N ASN C 76 -0.62 1.47 42.82
CA ASN C 76 -0.98 2.80 43.26
C ASN C 76 -2.14 3.47 42.56
N TYR C 77 -2.26 3.26 41.25
CA TYR C 77 -3.26 3.99 40.46
C TYR C 77 -4.33 3.15 39.82
N GLY C 78 -3.95 1.99 39.30
CA GLY C 78 -4.90 1.11 38.62
C GLY C 78 -4.29 0.46 37.39
N PRO C 79 -5.04 -0.40 36.73
CA PRO C 79 -4.51 -1.03 35.50
C PRO C 79 -4.22 -0.04 34.36
N VAL C 80 -3.17 -0.31 33.59
CA VAL C 80 -2.79 0.51 32.46
C VAL C 80 -3.66 0.11 31.29
N LEU C 81 -4.59 0.97 30.93
CA LEU C 81 -5.50 0.70 29.81
C LEU C 81 -5.11 1.37 28.51
N VAL C 82 -4.32 2.44 28.60
CA VAL C 82 -3.86 3.11 27.42
C VAL C 82 -2.37 3.18 27.50
N LEU C 83 -1.68 2.79 26.44
CA LEU C 83 -0.24 2.85 26.41
C LEU C 83 0.22 3.58 25.18
N VAL C 84 0.90 4.68 25.38
CA VAL C 84 1.42 5.44 24.30
C VAL C 84 2.93 5.39 24.37
N ASN C 85 3.55 4.84 23.34
CA ASN C 85 4.99 4.72 23.26
C ASN C 85 5.60 5.84 22.44
N ASN C 86 6.16 6.83 23.10
CA ASN C 86 6.64 7.98 22.37
C ASN C 86 8.07 7.73 21.92
N ALA C 87 8.45 8.33 20.79
CA ALA C 87 9.79 8.20 20.24
C ALA C 87 10.87 8.48 21.28
N LEU C 95 21.22 6.18 9.24
CA LEU C 95 21.65 5.34 8.12
C LEU C 95 22.25 4.01 8.55
N LEU C 96 21.65 2.94 8.07
CA LEU C 96 22.02 1.59 8.41
C LEU C 96 23.49 1.27 8.20
N ARG C 97 24.21 2.08 7.43
CA ARG C 97 25.67 1.93 7.41
C ARG C 97 26.26 2.61 8.66
N MET C 98 26.09 1.93 9.80
CA MET C 98 26.49 2.42 11.11
C MET C 98 26.92 1.23 11.94
N SER C 99 27.34 1.48 13.18
CA SER C 99 27.83 0.39 14.03
C SER C 99 26.71 -0.55 14.44
N GLU C 100 27.07 -1.80 14.69
CA GLU C 100 26.12 -2.79 15.12
C GLU C 100 25.50 -2.41 16.48
N ASP C 101 26.30 -1.86 17.36
CA ASP C 101 25.81 -1.46 18.69
C ASP C 101 24.79 -0.36 18.58
N ASP C 102 25.06 0.60 17.72
CA ASP C 102 24.15 1.73 17.57
C ASP C 102 22.81 1.23 17.11
N TRP C 103 22.85 0.24 16.22
CA TRP C 103 21.66 -0.35 15.68
C TRP C 103 20.89 -1.11 16.77
N ASP C 104 21.57 -1.98 17.50
CA ASP C 104 20.93 -2.74 18.59
C ASP C 104 20.34 -1.81 19.62
N ASP C 105 21.02 -0.71 19.93
CA ASP C 105 20.48 0.26 20.87
C ASP C 105 19.21 0.87 20.32
N ILE C 106 19.21 1.20 19.03
CA ILE C 106 18.05 1.79 18.39
C ILE C 106 16.85 0.84 18.44
N LEU C 107 17.07 -0.44 18.22
CA LEU C 107 15.96 -1.36 18.26
C LEU C 107 15.58 -1.83 19.68
N ASN C 108 16.46 -1.64 20.67
CA ASN C 108 16.07 -1.94 22.04
C ASN C 108 15.07 -0.91 22.49
N ILE C 109 15.38 0.33 22.14
CA ILE C 109 14.61 1.46 22.57
C ILE C 109 13.33 1.57 21.77
N HIS C 110 13.42 1.43 20.46
CA HIS C 110 12.26 1.65 19.61
C HIS C 110 11.36 0.43 19.42
N LEU C 111 11.91 -0.79 19.46
CA LEU C 111 11.11 -1.98 19.18
C LEU C 111 10.99 -2.95 20.32
N LYS C 112 12.11 -3.29 20.96
CA LYS C 112 12.09 -4.28 22.05
C LYS C 112 11.24 -3.75 23.22
N ALA C 113 11.42 -2.48 23.53
CA ALA C 113 10.66 -1.81 24.58
C ALA C 113 9.19 -1.89 24.33
N VAL C 114 8.77 -1.62 23.10
CA VAL C 114 7.36 -1.62 22.79
C VAL C 114 6.87 -3.03 23.03
N TYR C 115 7.67 -4.00 22.62
CA TYR C 115 7.27 -5.39 22.78
C TYR C 115 7.12 -5.73 24.25
N ARG C 116 8.09 -5.29 25.04
CA ARG C 116 8.09 -5.54 26.48
C ARG C 116 6.91 -4.89 27.17
N LEU C 117 6.71 -3.59 26.97
CA LEU C 117 5.61 -2.91 27.62
C LEU C 117 4.25 -3.45 27.20
N SER C 118 4.11 -3.84 25.95
CA SER C 118 2.86 -4.37 25.43
C SER C 118 2.51 -5.69 26.07
N LYS C 119 3.51 -6.56 26.19
CA LYS C 119 3.34 -7.85 26.84
C LYS C 119 3.03 -7.64 28.32
N ARG C 120 3.71 -6.70 28.92
CA ARG C 120 3.56 -6.44 30.33
C ARG C 120 2.15 -5.98 30.66
N VAL C 121 1.59 -5.07 29.87
CA VAL C 121 0.27 -4.49 30.17
C VAL C 121 -0.88 -5.34 29.61
N LEU C 122 -0.55 -6.39 28.88
CA LEU C 122 -1.54 -7.16 28.18
C LEU C 122 -2.62 -7.73 29.09
N LYS C 123 -2.22 -8.25 30.24
CA LYS C 123 -3.14 -8.92 31.15
C LYS C 123 -4.26 -8.00 31.64
N GLY C 124 -3.88 -6.82 32.12
CA GLY C 124 -4.83 -5.85 32.63
C GLY C 124 -5.84 -5.46 31.59
N MET C 125 -5.40 -5.24 30.36
CA MET C 125 -6.32 -4.88 29.28
C MET C 125 -7.19 -6.05 28.94
N THR C 126 -6.64 -7.26 28.96
CA THR C 126 -7.46 -8.43 28.65
C THR C 126 -8.61 -8.55 29.66
N LYS C 127 -8.33 -8.30 30.93
CA LYS C 127 -9.33 -8.40 31.96
C LYS C 127 -10.46 -7.40 31.82
N ALA C 128 -10.11 -6.17 31.46
CA ALA C 128 -11.09 -5.09 31.31
C ALA C 128 -11.76 -5.15 29.95
N ARG C 129 -11.24 -6.03 29.10
CA ARG C 129 -11.70 -6.18 27.73
C ARG C 129 -11.71 -4.83 26.97
N PHE C 130 -10.74 -3.99 27.34
CA PHE C 130 -10.53 -2.72 26.68
C PHE C 130 -9.05 -2.42 26.78
N GLY C 131 -8.50 -1.88 25.69
CA GLY C 131 -7.11 -1.51 25.62
C GLY C 131 -6.73 -0.65 24.41
N ARG C 132 -5.78 0.24 24.63
CA ARG C 132 -5.25 1.06 23.56
C ARG C 132 -3.74 1.02 23.62
N ILE C 133 -3.13 0.71 22.50
CA ILE C 133 -1.69 0.76 22.38
C ILE C 133 -1.44 1.60 21.17
N ILE C 134 -0.69 2.67 21.34
CA ILE C 134 -0.49 3.62 20.27
C ILE C 134 1.00 3.94 20.17
N ASN C 135 1.60 3.76 19.00
CA ASN C 135 3.04 3.94 18.86
C ASN C 135 3.38 5.13 18.00
N ILE C 136 4.13 6.08 18.54
CA ILE C 136 4.40 7.28 17.83
C ILE C 136 5.75 7.10 17.18
N SER C 137 5.78 7.17 15.86
CA SER C 137 7.05 7.04 15.17
C SER C 137 7.70 8.41 15.15
N SER C 138 8.96 8.47 14.74
CA SER C 138 9.68 9.72 14.90
C SER C 138 9.34 10.79 13.87
N VAL C 139 9.61 12.02 14.27
CA VAL C 139 9.40 13.17 13.41
C VAL C 139 10.34 13.09 12.22
N VAL C 140 9.91 13.64 11.09
CA VAL C 140 10.76 13.63 9.90
C VAL C 140 11.92 14.62 10.05
N ALA C 141 13.11 14.19 9.65
CA ALA C 141 14.27 15.09 9.67
C ALA C 141 14.20 16.07 8.48
N HIS C 142 14.95 17.17 8.54
CA HIS C 142 14.84 18.24 7.53
C HIS C 142 15.63 17.91 6.27
N ASN C 150 10.10 8.61 6.07
CA ASN C 150 9.59 8.05 4.83
C ASN C 150 9.81 6.54 4.80
N TYR C 151 11.00 6.09 4.40
CA TYR C 151 11.32 4.66 4.47
C TYR C 151 12.45 4.38 5.50
N SER C 152 12.56 5.25 6.52
CA SER C 152 13.50 5.07 7.65
C SER C 152 13.24 3.74 8.30
N ALA C 153 14.31 3.06 8.70
CA ALA C 153 14.20 1.72 9.23
C ALA C 153 13.43 1.63 10.57
N ALA C 154 13.67 2.57 11.49
CA ALA C 154 12.97 2.57 12.78
C ALA C 154 11.47 2.74 12.58
N LYS C 155 11.08 3.69 11.76
CA LYS C 155 9.68 3.91 11.52
C LYS C 155 9.07 2.69 10.88
N ALA C 156 9.74 2.14 9.87
CA ALA C 156 9.21 1.01 9.14
C ALA C 156 9.06 -0.17 10.07
N GLY C 157 10.08 -0.37 10.89
CA GLY C 157 10.08 -1.45 11.86
C GLY C 157 8.91 -1.28 12.78
N ILE C 158 8.75 -0.08 13.32
CA ILE C 158 7.70 0.13 14.29
C ILE C 158 6.34 -0.07 13.66
N GLU C 159 6.12 0.37 12.43
CA GLU C 159 4.78 0.23 11.86
C GLU C 159 4.46 -1.20 11.51
N ALA C 160 5.46 -1.95 11.05
CA ALA C 160 5.25 -3.39 10.74
C ALA C 160 4.95 -4.15 12.03
N PHE C 161 5.57 -3.74 13.10
CA PHE C 161 5.40 -4.40 14.35
C PHE C 161 4.00 -4.13 14.95
N SER C 162 3.48 -2.92 14.77
CA SER C 162 2.14 -2.57 15.23
C SER C 162 1.08 -3.42 14.57
N ARG C 163 1.22 -3.65 13.26
CA ARG C 163 0.28 -4.51 12.54
C ARG C 163 0.24 -5.90 13.13
N SER C 164 1.40 -6.48 13.38
CA SER C 164 1.48 -7.84 13.94
C SER C 164 0.89 -7.93 15.35
N LEU C 165 1.18 -6.96 16.20
CA LEU C 165 0.60 -6.94 17.54
C LEU C 165 -0.90 -6.86 17.43
N ALA C 166 -1.35 -6.02 16.51
CA ALA C 166 -2.77 -5.80 16.32
C ALA C 166 -3.49 -7.05 15.91
N LYS C 167 -2.87 -7.84 15.04
CA LYS C 167 -3.43 -9.14 14.65
C LYS C 167 -3.64 -10.05 15.87
N GLU C 168 -2.67 -10.06 16.77
CA GLU C 168 -2.73 -10.90 17.98
C GLU C 168 -3.61 -10.37 19.11
N MET C 169 -3.61 -9.06 19.32
CA MET C 169 -4.34 -8.52 20.46
C MET C 169 -5.80 -8.30 20.15
N GLY C 170 -6.16 -8.39 18.88
CA GLY C 170 -7.50 -8.06 18.46
C GLY C 170 -8.62 -8.84 19.12
N SER C 171 -8.42 -10.14 19.29
CA SER C 171 -9.50 -10.96 19.80
C SER C 171 -9.91 -10.45 21.19
N ARG C 172 -8.96 -9.86 21.91
CA ARG C 172 -9.26 -9.32 23.23
C ARG C 172 -9.78 -7.89 23.21
N GLN C 173 -10.10 -7.35 22.04
CA GLN C 173 -10.65 -5.99 21.96
C GLN C 173 -9.62 -4.91 22.33
N ILE C 174 -8.38 -5.12 21.90
CA ILE C 174 -7.32 -4.16 22.08
C ILE C 174 -6.87 -3.69 20.69
N THR C 175 -6.80 -2.38 20.52
CA THR C 175 -6.37 -1.79 19.28
C THR C 175 -4.92 -1.38 19.43
N VAL C 176 -4.16 -1.55 18.36
CA VAL C 176 -2.79 -1.11 18.31
C VAL C 176 -2.71 -0.31 17.04
N ASN C 177 -2.20 0.92 17.13
CA ASN C 177 -2.11 1.77 16.01
C ASN C 177 -0.87 2.57 16.16
N SER C 178 -0.35 3.04 15.03
CA SER C 178 0.75 3.96 15.07
C SER C 178 0.27 5.27 14.53
N VAL C 179 1.01 6.30 14.89
CA VAL C 179 0.74 7.63 14.44
C VAL C 179 2.04 8.18 13.85
N ALA C 180 2.01 8.69 12.62
CA ALA C 180 3.26 9.12 11.95
C ALA C 180 3.30 10.62 11.77
N PRO C 181 4.11 11.30 12.57
CA PRO C 181 4.27 12.72 12.29
C PRO C 181 5.10 12.99 11.02
N GLY C 182 4.87 14.16 10.42
CA GLY C 182 5.71 14.66 9.34
C GLY C 182 6.72 15.64 9.93
N PHE C 183 6.65 16.88 9.50
CA PHE C 183 7.48 17.93 10.06
C PHE C 183 6.70 18.58 11.19
N ILE C 184 7.21 18.48 12.40
CA ILE C 184 6.60 19.23 13.49
C ILE C 184 7.57 20.28 13.98
N ALA C 185 7.02 21.40 14.44
CA ALA C 185 7.84 22.53 14.92
C ALA C 185 8.57 22.14 16.20
N THR C 186 9.87 22.17 16.14
CA THR C 186 10.69 21.85 17.27
C THR C 186 11.17 23.21 17.63
N GLU C 187 12.00 23.80 16.80
CA GLU C 187 12.52 25.11 17.08
C GLU C 187 12.52 26.01 15.86
N MET C 188 13.38 25.60 14.95
CA MET C 188 13.62 26.28 13.74
C MET C 188 13.89 27.76 14.01
N LYS C 198 13.46 27.34 6.49
CA LYS C 198 12.18 26.70 6.76
C LYS C 198 11.38 26.58 5.49
N LYS C 199 12.05 26.14 4.43
CA LYS C 199 11.35 25.86 3.19
C LYS C 199 11.14 24.38 3.03
N MET C 200 11.29 23.67 4.14
CA MET C 200 10.82 22.33 4.27
C MET C 200 9.31 22.34 4.14
N SER C 201 8.66 23.42 4.54
CA SER C 201 7.22 23.52 4.49
C SER C 201 6.68 23.54 3.06
N ASP C 202 7.52 23.91 2.12
CA ASP C 202 7.11 23.87 0.73
C ASP C 202 6.79 22.44 0.34
N GLN C 203 7.44 21.48 1.01
CA GLN C 203 7.23 20.08 0.71
C GLN C 203 5.90 19.56 1.28
N VAL C 204 5.25 20.39 2.09
CA VAL C 204 4.04 20.01 2.79
C VAL C 204 2.88 20.64 2.08
N ALA C 205 1.88 19.83 1.73
CA ALA C 205 0.75 20.30 0.94
C ALA C 205 0.00 21.40 1.68
N LEU C 206 -0.15 21.28 2.99
CA LEU C 206 -0.86 22.30 3.72
C LEU C 206 0.05 23.51 3.92
N ASN C 207 1.30 23.38 3.51
CA ASN C 207 2.22 24.50 3.41
C ASN C 207 2.66 25.11 4.74
N ARG C 208 2.80 24.24 5.74
CA ARG C 208 3.28 24.67 7.05
C ARG C 208 3.73 23.46 7.83
N LEU C 209 4.44 23.71 8.92
CA LEU C 209 4.89 22.66 9.81
C LEU C 209 3.81 22.41 10.82
N GLY C 210 3.76 21.18 11.31
CA GLY C 210 2.78 20.82 12.32
C GLY C 210 3.11 21.38 13.70
N GLU C 211 2.18 21.19 14.62
CA GLU C 211 2.40 21.50 16.00
C GLU C 211 2.23 20.20 16.79
N PRO C 212 2.84 20.13 17.97
CA PRO C 212 2.71 18.93 18.79
C PRO C 212 1.28 18.59 19.07
N GLN C 213 0.44 19.62 19.26
CA GLN C 213 -0.98 19.41 19.49
C GLN C 213 -1.68 18.60 18.38
N ASP C 214 -1.20 18.73 17.15
CA ASP C 214 -1.77 17.96 16.04
C ASP C 214 -1.56 16.48 16.26
N ILE C 215 -0.38 16.09 16.72
CA ILE C 215 -0.17 14.70 17.04
C ILE C 215 -0.99 14.31 18.28
N ALA C 216 -1.06 15.22 19.25
CA ALA C 216 -1.88 14.98 20.45
C ALA C 216 -3.33 14.70 20.10
N ASN C 217 -3.89 15.47 19.16
CA ASN C 217 -5.28 15.26 18.76
C ASN C 217 -5.52 13.91 18.11
N ALA C 218 -4.58 13.47 17.30
CA ALA C 218 -4.69 12.14 16.67
C ALA C 218 -4.67 11.05 17.72
N VAL C 219 -3.74 11.16 18.67
CA VAL C 219 -3.62 10.17 19.71
C VAL C 219 -4.88 10.11 20.53
N SER C 220 -5.41 11.27 20.90
CA SER C 220 -6.66 11.32 21.65
C SER C 220 -7.82 10.64 20.94
N PHE C 221 -8.01 10.91 19.65
CA PHE C 221 -9.04 10.19 18.91
C PHE C 221 -8.80 8.68 18.97
N LEU C 222 -7.58 8.25 18.75
CA LEU C 222 -7.26 6.81 18.79
C LEU C 222 -7.47 6.23 20.18
N ALA C 223 -7.12 7.03 21.18
CA ALA C 223 -7.19 6.60 22.56
C ALA C 223 -8.62 6.46 23.07
N SER C 224 -9.59 7.11 22.44
CA SER C 224 -10.96 7.18 22.94
C SER C 224 -11.87 6.06 22.45
N ASP C 225 -13.12 6.13 22.91
CA ASP C 225 -14.16 5.18 22.57
C ASP C 225 -14.79 5.43 21.20
N LYS C 226 -14.29 6.43 20.47
CA LYS C 226 -14.77 6.70 19.12
C LYS C 226 -13.94 5.95 18.07
N ALA C 227 -12.86 5.30 18.49
CA ALA C 227 -11.96 4.62 17.59
C ALA C 227 -11.87 3.13 17.87
N GLY C 228 -12.95 2.56 18.41
CA GLY C 228 -12.97 1.17 18.83
C GLY C 228 -12.84 0.16 17.72
N TYR C 229 -13.16 0.52 16.48
CA TYR C 229 -13.03 -0.41 15.36
C TYR C 229 -11.84 -0.04 14.42
N ILE C 230 -10.90 0.76 14.93
CA ILE C 230 -9.68 1.07 14.14
C ILE C 230 -8.48 0.33 14.71
N THR C 231 -7.90 -0.60 13.94
CA THR C 231 -6.71 -1.26 14.41
C THR C 231 -5.79 -1.69 13.26
N GLY C 232 -4.53 -1.87 13.58
CA GLY C 232 -3.51 -2.22 12.59
C GLY C 232 -3.16 -1.12 11.62
N THR C 233 -3.47 0.10 11.98
CA THR C 233 -3.48 1.15 11.01
C THR C 233 -2.35 2.09 11.33
N VAL C 234 -1.94 2.87 10.34
CA VAL C 234 -1.01 3.96 10.57
C VAL C 234 -1.79 5.22 10.31
N LEU C 235 -1.96 6.05 11.32
CA LEU C 235 -2.64 7.32 11.10
C LEU C 235 -1.59 8.39 10.82
N HIS C 236 -1.59 8.91 9.59
CA HIS C 236 -0.61 9.91 9.18
C HIS C 236 -1.03 11.35 9.48
N VAL C 237 -0.17 12.05 10.19
CA VAL C 237 -0.42 13.46 10.52
C VAL C 237 0.75 14.30 10.05
N ASN C 238 0.80 14.56 8.75
CA ASN C 238 1.94 15.25 8.15
C ASN C 238 1.57 16.34 7.17
N GLY C 239 0.30 16.72 7.13
CA GLY C 239 -0.16 17.76 6.19
C GLY C 239 -0.01 17.46 4.70
N GLY C 240 0.11 16.18 4.34
CA GLY C 240 0.24 15.84 2.94
C GLY C 240 1.67 15.87 2.47
N LEU C 241 2.60 15.79 3.39
CA LEU C 241 4.01 15.65 3.06
C LEU C 241 4.15 14.37 2.29
N TYR C 242 3.58 13.32 2.85
CA TYR C 242 3.56 12.01 2.23
C TYR C 242 2.11 11.55 2.20
N MET C 243 1.73 10.84 1.14
CA MET C 243 0.36 10.39 0.95
C MET C 243 0.32 8.93 0.54
N ARG D 5 32.86 -15.40 -14.04
CA ARG D 5 31.39 -15.43 -13.73
C ARG D 5 31.14 -14.65 -12.45
N LYS D 6 30.08 -13.85 -12.43
CA LYS D 6 29.70 -13.16 -11.23
C LYS D 6 29.35 -14.20 -10.19
N VAL D 7 29.57 -13.89 -8.93
CA VAL D 7 29.31 -14.83 -7.86
C VAL D 7 27.99 -14.53 -7.14
N ALA D 8 27.21 -15.58 -6.90
CA ALA D 8 25.98 -15.48 -6.15
C ALA D 8 26.04 -16.31 -4.89
N LEU D 9 25.60 -15.75 -3.78
CA LEU D 9 25.61 -16.44 -2.50
C LEU D 9 24.20 -16.75 -2.14
N VAL D 10 23.90 -18.01 -1.91
CA VAL D 10 22.55 -18.41 -1.56
C VAL D 10 22.60 -19.13 -0.24
N THR D 11 22.08 -18.52 0.83
CA THR D 11 22.07 -19.19 2.12
C THR D 11 20.90 -20.17 2.21
N GLY D 12 21.10 -21.24 2.96
CA GLY D 12 20.07 -22.23 3.17
C GLY D 12 19.70 -22.95 1.88
N ALA D 13 20.71 -23.37 1.12
CA ALA D 13 20.46 -23.97 -0.17
C ALA D 13 20.21 -25.48 -0.18
N SER D 14 20.09 -26.09 0.99
CA SER D 14 20.09 -27.56 1.09
C SER D 14 18.92 -28.29 0.43
N ARG D 15 17.73 -27.71 0.56
CA ARG D 15 16.52 -28.38 0.07
C ARG D 15 15.47 -27.36 -0.32
N GLY D 16 14.46 -27.85 -1.04
CA GLY D 16 13.28 -27.08 -1.42
C GLY D 16 13.59 -25.83 -2.21
N ILE D 17 13.16 -24.70 -1.66
CA ILE D 17 13.17 -23.45 -2.35
C ILE D 17 14.61 -23.01 -2.59
N GLY D 18 15.41 -23.07 -1.54
CA GLY D 18 16.79 -22.65 -1.59
C GLY D 18 17.56 -23.48 -2.58
N ALA D 19 17.21 -24.76 -2.69
CA ALA D 19 17.91 -25.63 -3.62
C ALA D 19 17.56 -25.25 -5.04
N ALA D 20 16.27 -25.03 -5.29
CA ALA D 20 15.82 -24.68 -6.61
C ALA D 20 16.43 -23.36 -7.05
N ILE D 21 16.51 -22.41 -6.11
CA ILE D 21 17.09 -21.10 -6.39
C ILE D 21 18.57 -21.20 -6.78
N ALA D 22 19.32 -22.02 -6.06
CA ALA D 22 20.74 -22.17 -6.37
C ALA D 22 20.90 -22.76 -7.76
N GLN D 23 20.06 -23.74 -8.09
CA GLN D 23 20.17 -24.42 -9.38
C GLN D 23 19.84 -23.50 -10.55
N GLN D 24 18.79 -22.69 -10.38
CA GLN D 24 18.43 -21.75 -11.41
C GLN D 24 19.48 -20.68 -11.57
N LEU D 25 20.06 -20.19 -10.48
CA LEU D 25 21.08 -19.16 -10.65
C LEU D 25 22.27 -19.73 -11.42
N ILE D 26 22.52 -21.03 -11.28
CA ILE D 26 23.62 -21.68 -12.02
C ILE D 26 23.29 -21.72 -13.50
N GLN D 27 22.09 -22.16 -13.82
CA GLN D 27 21.61 -22.17 -15.21
C GLN D 27 21.65 -20.80 -15.83
N ASP D 28 21.27 -19.78 -15.05
CA ASP D 28 21.30 -18.43 -15.51
C ASP D 28 22.72 -18.02 -15.83
N GLY D 29 23.70 -18.68 -15.21
CA GLY D 29 25.11 -18.37 -15.45
C GLY D 29 25.93 -17.78 -14.32
N TYR D 30 25.40 -17.76 -13.10
CA TYR D 30 26.18 -17.30 -11.95
C TYR D 30 26.99 -18.45 -11.41
N PHE D 31 28.14 -18.15 -10.80
CA PHE D 31 28.83 -19.17 -9.99
C PHE D 31 28.22 -19.10 -8.59
N VAL D 32 27.66 -20.21 -8.11
CA VAL D 32 26.82 -20.17 -6.90
C VAL D 32 27.43 -20.84 -5.68
N VAL D 33 27.58 -20.08 -4.61
CA VAL D 33 28.01 -20.61 -3.33
C VAL D 33 26.76 -20.78 -2.51
N GLY D 34 26.46 -22.01 -2.11
CA GLY D 34 25.30 -22.32 -1.29
C GLY D 34 25.82 -22.57 0.11
N THR D 35 25.05 -22.23 1.14
CA THR D 35 25.48 -22.48 2.49
C THR D 35 24.61 -23.54 3.12
N ALA D 36 25.21 -24.32 4.02
CA ALA D 36 24.51 -25.31 4.80
C ALA D 36 24.99 -25.17 6.24
N THR D 37 24.19 -25.62 7.18
CA THR D 37 24.56 -25.50 8.59
C THR D 37 25.77 -26.32 9.01
N SER D 38 26.00 -27.45 8.35
CA SER D 38 27.12 -28.35 8.68
C SER D 38 28.01 -28.68 7.48
N GLU D 39 29.16 -29.31 7.73
CA GLU D 39 30.14 -29.52 6.66
C GLU D 39 29.79 -30.61 5.65
N SER D 40 29.12 -31.65 6.10
CA SER D 40 28.68 -32.68 5.18
C SER D 40 27.62 -32.10 4.25
N GLY D 41 26.71 -31.31 4.84
CA GLY D 41 25.66 -30.64 4.07
C GLY D 41 26.28 -29.76 2.97
N ALA D 42 27.34 -29.07 3.33
CA ALA D 42 28.03 -28.23 2.37
C ALA D 42 28.66 -29.09 1.29
N GLN D 43 29.24 -30.23 1.67
CA GLN D 43 29.85 -31.13 0.67
C GLN D 43 28.80 -31.66 -0.28
N LYS D 44 27.62 -31.96 0.24
CA LYS D 44 26.53 -32.42 -0.58
C LYS D 44 26.21 -31.36 -1.64
N LEU D 45 26.16 -30.11 -1.20
CA LEU D 45 25.82 -29.00 -2.08
C LEU D 45 26.89 -28.92 -3.14
N THR D 46 28.12 -29.12 -2.73
CA THR D 46 29.21 -29.07 -3.69
C THR D 46 29.09 -30.16 -4.74
N ASP D 47 28.71 -31.36 -4.33
CA ASP D 47 28.58 -32.48 -5.28
C ASP D 47 27.49 -32.18 -6.30
N SER D 48 26.37 -31.64 -5.84
CA SER D 48 25.25 -31.39 -6.73
C SER D 48 25.45 -30.20 -7.67
N PHE D 49 26.45 -29.36 -7.42
CA PHE D 49 26.64 -28.17 -8.25
C PHE D 49 27.60 -28.40 -9.38
N GLY D 50 28.14 -29.61 -9.48
CA GLY D 50 29.18 -29.86 -10.43
C GLY D 50 30.36 -28.96 -10.10
N GLU D 51 30.92 -28.35 -11.13
CA GLU D 51 32.08 -27.51 -10.97
C GLU D 51 31.66 -26.04 -11.10
N GLN D 52 30.36 -25.78 -11.03
CA GLN D 52 29.85 -24.44 -11.22
C GLN D 52 29.32 -23.85 -9.94
N GLY D 53 29.59 -24.48 -8.80
CA GLY D 53 29.15 -23.97 -7.53
C GLY D 53 30.01 -24.55 -6.43
N ALA D 54 29.86 -24.03 -5.22
CA ALA D 54 30.56 -24.56 -4.07
C ALA D 54 29.67 -24.51 -2.85
N GLY D 55 29.98 -25.34 -1.86
CA GLY D 55 29.23 -25.39 -0.62
C GLY D 55 30.09 -24.99 0.56
N LEU D 56 29.51 -24.21 1.46
CA LEU D 56 30.22 -23.78 2.65
C LEU D 56 29.30 -24.01 3.79
N ALA D 57 29.86 -24.32 4.95
CA ALA D 57 29.08 -24.44 6.18
C ALA D 57 28.98 -23.07 6.85
N LEU D 58 27.75 -22.68 7.18
CA LEU D 58 27.50 -21.41 7.85
C LEU D 58 26.28 -21.54 8.75
N ASP D 59 26.47 -21.37 10.03
CA ASP D 59 25.38 -21.33 10.95
C ASP D 59 25.07 -19.85 11.13
N VAL D 60 23.95 -19.39 10.59
CA VAL D 60 23.69 -17.95 10.50
C VAL D 60 23.54 -17.31 11.85
N ARG D 61 23.52 -18.12 12.90
CA ARG D 61 23.44 -17.58 14.22
C ARG D 61 24.62 -16.70 14.50
N ASN D 62 25.80 -17.14 14.10
CA ASN D 62 27.04 -16.44 14.48
C ASN D 62 27.57 -15.45 13.46
N LEU D 63 27.60 -14.18 13.83
CA LEU D 63 28.10 -13.14 12.94
C LEU D 63 29.53 -13.40 12.53
N ASP D 64 30.30 -14.01 13.42
CA ASP D 64 31.71 -14.24 13.18
C ASP D 64 31.91 -15.18 11.97
N GLU D 65 31.01 -16.15 11.81
CA GLU D 65 31.11 -17.02 10.66
C GLU D 65 30.96 -16.26 9.35
N ILE D 66 30.11 -15.22 9.34
CA ILE D 66 29.88 -14.42 8.15
C ILE D 66 31.16 -13.76 7.64
N GLU D 67 31.98 -13.22 8.52
CA GLU D 67 33.22 -12.62 8.05
C GLU D 67 34.11 -13.66 7.34
N ALA D 68 34.24 -14.85 7.92
CA ALA D 68 35.15 -15.87 7.39
C ALA D 68 34.68 -16.40 6.05
N VAL D 69 33.38 -16.63 5.95
CA VAL D 69 32.77 -17.16 4.74
C VAL D 69 32.87 -16.19 3.57
N VAL D 70 32.45 -14.94 3.76
CA VAL D 70 32.49 -14.00 2.65
C VAL D 70 33.94 -13.78 2.24
N SER D 71 34.83 -13.70 3.22
CA SER D 71 36.25 -13.59 2.95
C SER D 71 36.71 -14.80 2.17
N HIS D 72 36.27 -15.97 2.58
CA HIS D 72 36.62 -17.19 1.89
C HIS D 72 36.14 -17.14 0.46
N ILE D 73 34.93 -16.65 0.25
CA ILE D 73 34.37 -16.55 -1.09
C ILE D 73 35.12 -15.51 -1.93
N GLU D 74 35.44 -14.38 -1.33
CA GLU D 74 36.20 -13.32 -2.02
C GLU D 74 37.57 -13.81 -2.47
N GLN D 75 38.25 -14.54 -1.60
CA GLN D 75 39.60 -14.96 -1.92
C GLN D 75 39.65 -16.10 -2.96
N ASN D 76 38.68 -17.01 -2.91
CA ASN D 76 38.70 -18.18 -3.79
C ASN D 76 37.91 -18.11 -5.09
N TYR D 77 36.75 -17.46 -5.05
CA TYR D 77 35.82 -17.43 -6.18
C TYR D 77 35.58 -16.02 -6.77
N GLY D 78 35.49 -14.98 -5.94
CA GLY D 78 35.21 -13.64 -6.44
C GLY D 78 34.31 -12.86 -5.48
N PRO D 79 33.98 -11.61 -5.81
CA PRO D 79 33.15 -10.86 -4.88
C PRO D 79 31.71 -11.24 -5.04
N VAL D 80 30.95 -11.19 -3.95
CA VAL D 80 29.54 -11.56 -3.95
C VAL D 80 28.76 -10.43 -4.58
N LEU D 81 28.10 -10.72 -5.69
CA LEU D 81 27.35 -9.70 -6.39
C LEU D 81 25.87 -9.95 -6.33
N VAL D 82 25.48 -11.17 -5.97
CA VAL D 82 24.07 -11.50 -5.77
C VAL D 82 23.96 -12.22 -4.47
N LEU D 83 23.07 -11.78 -3.59
CA LEU D 83 22.95 -12.38 -2.29
C LEU D 83 21.49 -12.71 -2.03
N VAL D 84 21.19 -13.98 -1.90
CA VAL D 84 19.85 -14.44 -1.65
C VAL D 84 19.77 -14.92 -0.20
N ASN D 85 18.97 -14.23 0.61
CA ASN D 85 18.75 -14.64 1.99
C ASN D 85 17.50 -15.45 2.11
N ASN D 86 17.64 -16.69 2.53
CA ASN D 86 16.49 -17.54 2.63
C ASN D 86 16.01 -17.66 4.06
N ALA D 87 14.74 -18.02 4.21
CA ALA D 87 14.12 -18.19 5.51
C ALA D 87 14.95 -19.14 6.36
N LEU D 95 6.95 -15.24 16.74
CA LEU D 95 5.76 -15.34 15.90
C LEU D 95 4.51 -15.56 16.70
N LEU D 96 4.44 -14.95 17.87
CA LEU D 96 3.31 -15.04 18.77
C LEU D 96 3.76 -14.64 20.15
N ARG D 97 3.08 -15.14 21.16
CA ARG D 97 3.43 -14.89 22.55
C ARG D 97 4.19 -16.12 23.01
N MET D 98 5.50 -15.98 23.03
CA MET D 98 6.39 -17.01 23.40
C MET D 98 7.44 -16.26 24.15
N SER D 99 8.45 -16.94 24.66
CA SER D 99 9.48 -16.27 25.46
C SER D 99 10.37 -15.34 24.64
N GLU D 100 10.92 -14.35 25.32
CA GLU D 100 11.82 -13.41 24.67
C GLU D 100 12.84 -14.14 23.84
N ASP D 101 13.33 -15.26 24.35
CA ASP D 101 14.38 -16.01 23.67
C ASP D 101 13.93 -16.50 22.30
N ASP D 102 12.74 -17.06 22.20
CA ASP D 102 12.24 -17.51 20.89
C ASP D 102 12.16 -16.36 19.88
N TRP D 103 11.78 -15.19 20.37
CA TRP D 103 11.72 -14.00 19.54
C TRP D 103 13.10 -13.56 19.11
N ASP D 104 14.03 -13.58 20.05
CA ASP D 104 15.38 -13.17 19.74
C ASP D 104 15.96 -14.08 18.67
N ASP D 105 15.70 -15.37 18.76
CA ASP D 105 16.25 -16.31 17.83
C ASP D 105 15.66 -16.16 16.43
N ILE D 106 14.35 -16.01 16.32
CA ILE D 106 13.72 -15.84 15.02
C ILE D 106 14.19 -14.56 14.37
N LEU D 107 14.23 -13.48 15.13
CA LEU D 107 14.64 -12.20 14.57
C LEU D 107 16.08 -12.26 14.09
N ASN D 108 16.90 -12.91 14.91
CA ASN D 108 18.31 -13.04 14.64
C ASN D 108 18.60 -13.76 13.31
N ILE D 109 17.83 -14.82 13.05
CA ILE D 109 17.97 -15.58 11.82
C ILE D 109 17.37 -14.79 10.65
N HIS D 110 16.13 -14.35 10.82
CA HIS D 110 15.37 -13.74 9.74
C HIS D 110 15.79 -12.31 9.42
N LEU D 111 16.35 -11.57 10.37
CA LEU D 111 16.68 -10.17 10.18
C LEU D 111 18.11 -9.76 10.53
N LYS D 112 18.61 -10.24 11.66
CA LYS D 112 19.97 -9.87 12.08
C LYS D 112 21.05 -10.38 11.13
N ALA D 113 20.87 -11.60 10.64
CA ALA D 113 21.83 -12.23 9.76
C ALA D 113 21.86 -11.51 8.44
N VAL D 114 20.69 -11.10 7.97
CA VAL D 114 20.58 -10.40 6.71
C VAL D 114 21.34 -9.09 6.74
N TYR D 115 21.21 -8.39 7.86
CA TYR D 115 21.82 -7.09 7.98
C TYR D 115 23.31 -7.27 7.87
N ARG D 116 23.84 -8.26 8.55
CA ARG D 116 25.28 -8.44 8.59
C ARG D 116 25.78 -8.87 7.21
N LEU D 117 25.10 -9.83 6.59
CA LEU D 117 25.48 -10.26 5.25
C LEU D 117 25.42 -9.10 4.24
N SER D 118 24.35 -8.32 4.31
CA SER D 118 24.17 -7.21 3.39
C SER D 118 25.30 -6.18 3.56
N LYS D 119 25.69 -5.95 4.80
CA LYS D 119 26.76 -5.00 5.09
C LYS D 119 28.10 -5.53 4.55
N ARG D 120 28.25 -6.84 4.56
CA ARG D 120 29.54 -7.43 4.26
C ARG D 120 29.83 -7.40 2.75
N VAL D 121 28.81 -7.61 1.93
CA VAL D 121 29.01 -7.65 0.49
C VAL D 121 28.87 -6.28 -0.14
N LEU D 122 28.58 -5.28 0.67
CA LEU D 122 28.33 -3.95 0.16
C LEU D 122 29.51 -3.28 -0.61
N LYS D 123 30.73 -3.41 -0.15
CA LYS D 123 31.86 -2.74 -0.85
C LYS D 123 32.13 -3.37 -2.21
N GLY D 124 32.07 -4.70 -2.30
CA GLY D 124 32.33 -5.34 -3.57
C GLY D 124 31.24 -5.00 -4.57
N MET D 125 29.98 -5.00 -4.12
CA MET D 125 28.91 -4.61 -5.00
C MET D 125 29.11 -3.16 -5.39
N THR D 126 29.51 -2.34 -4.43
CA THR D 126 29.69 -0.93 -4.67
C THR D 126 30.74 -0.63 -5.74
N LYS D 127 31.86 -1.35 -5.66
CA LYS D 127 32.96 -1.19 -6.61
C LYS D 127 32.56 -1.64 -8.01
N ALA D 128 31.75 -2.70 -8.12
CA ALA D 128 31.34 -3.24 -9.43
C ALA D 128 30.15 -2.51 -10.03
N ARG D 129 29.58 -1.60 -9.26
CA ARG D 129 28.40 -0.86 -9.67
C ARG D 129 27.22 -1.76 -10.07
N PHE D 130 27.13 -2.91 -9.41
CA PHE D 130 26.07 -3.87 -9.69
C PHE D 130 25.83 -4.65 -8.42
N GLY D 131 24.58 -4.90 -8.09
CA GLY D 131 24.25 -5.68 -6.91
C GLY D 131 22.82 -6.12 -6.83
N ARG D 132 22.60 -7.29 -6.24
CA ARG D 132 21.27 -7.78 -6.01
C ARG D 132 21.22 -8.39 -4.64
N ILE D 133 20.29 -7.92 -3.81
CA ILE D 133 20.03 -8.56 -2.54
C ILE D 133 18.59 -8.95 -2.59
N ILE D 134 18.32 -10.22 -2.33
CA ILE D 134 16.98 -10.74 -2.52
C ILE D 134 16.59 -11.56 -1.30
N ASN D 135 15.58 -11.11 -0.56
CA ASN D 135 15.21 -11.73 0.69
C ASN D 135 13.92 -12.48 0.52
N ILE D 136 13.94 -13.75 0.84
CA ILE D 136 12.79 -14.57 0.66
C ILE D 136 12.19 -14.75 2.03
N SER D 137 10.89 -14.46 2.14
CA SER D 137 10.21 -14.65 3.38
C SER D 137 9.65 -16.07 3.36
N SER D 138 9.11 -16.49 4.51
CA SER D 138 8.67 -17.86 4.74
C SER D 138 7.36 -18.12 4.05
N VAL D 139 7.14 -19.40 3.72
CA VAL D 139 5.88 -19.80 3.12
C VAL D 139 4.73 -19.58 4.10
N VAL D 140 3.52 -19.56 3.57
CA VAL D 140 2.34 -19.43 4.39
C VAL D 140 2.21 -20.78 5.06
N ALA D 141 1.66 -20.81 6.26
CA ALA D 141 1.56 -22.06 7.03
C ALA D 141 0.28 -22.83 6.70
N HIS D 142 0.35 -24.15 6.83
CA HIS D 142 -0.80 -25.08 6.67
C HIS D 142 -1.44 -25.06 5.27
N ASN D 150 0.79 -13.62 6.56
CA ASN D 150 0.18 -12.36 6.17
C ASN D 150 0.76 -11.18 6.96
N TYR D 151 0.26 -10.99 8.18
CA TYR D 151 0.73 -9.92 9.04
C TYR D 151 1.64 -10.52 10.10
N SER D 152 2.08 -11.76 9.84
CA SER D 152 3.13 -12.41 10.61
C SER D 152 4.32 -11.46 10.78
N ALA D 153 4.85 -11.42 11.98
CA ALA D 153 5.90 -10.48 12.32
C ALA D 153 7.23 -10.64 11.60
N ALA D 154 7.67 -11.87 11.37
CA ALA D 154 8.94 -12.09 10.70
C ALA D 154 8.83 -11.63 9.25
N LYS D 155 7.73 -12.03 8.62
CA LYS D 155 7.46 -11.63 7.24
C LYS D 155 7.29 -10.14 7.10
N ALA D 156 6.49 -9.53 7.97
CA ALA D 156 6.27 -8.10 7.89
C ALA D 156 7.58 -7.39 8.14
N GLY D 157 8.34 -7.88 9.10
CA GLY D 157 9.62 -7.29 9.46
C GLY D 157 10.60 -7.36 8.31
N ILE D 158 10.66 -8.52 7.67
CA ILE D 158 11.64 -8.66 6.62
C ILE D 158 11.27 -7.78 5.45
N GLU D 159 9.99 -7.71 5.13
CA GLU D 159 9.55 -6.89 4.03
C GLU D 159 9.88 -5.43 4.32
N ALA D 160 9.67 -4.99 5.56
CA ALA D 160 9.91 -3.59 5.92
C ALA D 160 11.39 -3.30 5.88
N PHE D 161 12.16 -4.28 6.30
CA PHE D 161 13.57 -4.12 6.33
C PHE D 161 14.13 -4.01 4.93
N SER D 162 13.60 -4.78 3.99
CA SER D 162 14.11 -4.74 2.63
C SER D 162 13.92 -3.38 1.98
N ARG D 163 12.79 -2.72 2.23
CA ARG D 163 12.57 -1.36 1.73
C ARG D 163 13.61 -0.37 2.27
N SER D 164 13.88 -0.46 3.56
CA SER D 164 14.80 0.46 4.18
C SER D 164 16.19 0.25 3.61
N LEU D 165 16.56 -1.01 3.39
CA LEU D 165 17.85 -1.32 2.80
C LEU D 165 17.89 -0.81 1.35
N ALA D 166 16.78 -0.97 0.63
CA ALA D 166 16.67 -0.48 -0.74
C ALA D 166 16.97 1.00 -0.90
N LYS D 167 16.38 1.84 -0.04
CA LYS D 167 16.58 3.29 -0.13
C LYS D 167 18.04 3.69 0.10
N GLU D 168 18.66 3.06 1.09
CA GLU D 168 20.04 3.36 1.40
C GLU D 168 21.02 2.85 0.36
N MET D 169 20.74 1.66 -0.18
CA MET D 169 21.64 1.05 -1.15
C MET D 169 21.34 1.42 -2.60
N GLY D 170 20.27 2.17 -2.85
CA GLY D 170 19.92 2.55 -4.21
C GLY D 170 20.98 3.38 -4.94
N SER D 171 21.61 4.30 -4.22
CA SER D 171 22.58 5.20 -4.82
C SER D 171 23.66 4.39 -5.52
N ARG D 172 24.05 3.27 -4.91
CA ARG D 172 25.11 2.43 -5.45
C ARG D 172 24.65 1.46 -6.55
N GLN D 173 23.43 1.62 -7.05
CA GLN D 173 22.94 0.78 -8.14
C GLN D 173 22.80 -0.69 -7.71
N ILE D 174 22.51 -0.88 -6.43
CA ILE D 174 22.26 -2.16 -5.87
C ILE D 174 20.77 -2.22 -5.67
N THR D 175 20.13 -3.32 -6.07
CA THR D 175 18.70 -3.45 -5.81
C THR D 175 18.48 -4.41 -4.64
N VAL D 176 17.49 -4.09 -3.82
CA VAL D 176 17.08 -4.93 -2.71
C VAL D 176 15.58 -5.15 -2.80
N ASN D 177 15.20 -6.40 -2.93
CA ASN D 177 13.82 -6.82 -3.06
C ASN D 177 13.53 -8.03 -2.23
N SER D 178 12.25 -8.32 -2.10
CA SER D 178 11.73 -9.41 -1.30
C SER D 178 10.86 -10.26 -2.20
N VAL D 179 10.84 -11.57 -1.96
CA VAL D 179 9.94 -12.47 -2.66
C VAL D 179 9.09 -13.18 -1.61
N ALA D 180 7.79 -13.25 -1.82
CA ALA D 180 6.89 -13.74 -0.76
C ALA D 180 6.07 -14.86 -1.33
N PRO D 181 6.48 -16.09 -1.05
CA PRO D 181 5.74 -17.28 -1.51
C PRO D 181 4.44 -17.49 -0.75
N GLY D 182 3.48 -18.13 -1.40
CA GLY D 182 2.21 -18.48 -0.75
C GLY D 182 2.29 -19.90 -0.24
N PHE D 183 1.49 -20.77 -0.83
CA PHE D 183 1.56 -22.19 -0.54
C PHE D 183 2.43 -22.89 -1.56
N ILE D 184 3.61 -23.30 -1.13
CA ILE D 184 4.50 -24.02 -2.02
C ILE D 184 4.55 -25.46 -1.57
N ALA D 185 4.40 -26.38 -2.51
CA ALA D 185 4.55 -27.82 -2.24
C ALA D 185 5.67 -28.12 -1.23
N LYS D 199 -9.39 -26.73 2.15
CA LYS D 199 -8.10 -26.99 1.55
C LYS D 199 -7.32 -25.74 1.16
N MET D 200 -6.01 -25.89 1.32
CA MET D 200 -5.05 -24.86 1.03
C MET D 200 -5.28 -24.48 -0.42
N SER D 201 -5.45 -25.48 -1.28
CA SER D 201 -5.61 -25.20 -2.69
C SER D 201 -6.90 -24.43 -2.98
N ASP D 202 -7.93 -24.70 -2.20
CA ASP D 202 -9.20 -24.04 -2.41
C ASP D 202 -9.12 -22.55 -2.12
N GLN D 203 -8.31 -22.15 -1.16
CA GLN D 203 -8.12 -20.73 -0.91
C GLN D 203 -7.40 -19.98 -2.05
N VAL D 204 -6.57 -20.69 -2.83
CA VAL D 204 -5.74 -20.11 -3.89
C VAL D 204 -6.53 -19.89 -5.17
N ALA D 205 -6.33 -18.75 -5.80
CA ALA D 205 -7.10 -18.41 -6.99
C ALA D 205 -6.81 -19.38 -8.13
N LEU D 206 -5.54 -19.71 -8.33
CA LEU D 206 -5.19 -20.61 -9.43
C LEU D 206 -5.55 -22.06 -9.07
N ASN D 207 -5.95 -22.27 -7.83
CA ASN D 207 -6.49 -23.55 -7.35
C ASN D 207 -5.44 -24.67 -7.24
N ARG D 208 -4.19 -24.31 -7.06
CA ARG D 208 -3.14 -25.32 -6.90
C ARG D 208 -2.01 -24.80 -6.04
N LEU D 209 -1.17 -25.71 -5.56
CA LEU D 209 -0.01 -25.30 -4.80
C LEU D 209 1.08 -24.90 -5.75
N GLY D 210 1.95 -24.00 -5.31
CA GLY D 210 3.12 -23.64 -6.11
C GLY D 210 4.22 -24.68 -6.00
N GLU D 211 5.29 -24.49 -6.73
CA GLU D 211 6.45 -25.37 -6.65
C GLU D 211 7.67 -24.53 -6.38
N PRO D 212 8.70 -25.12 -5.76
CA PRO D 212 9.91 -24.36 -5.52
C PRO D 212 10.42 -23.62 -6.75
N GLN D 213 10.26 -24.26 -7.88
CA GLN D 213 10.65 -23.66 -9.14
C GLN D 213 9.92 -22.33 -9.37
N ASP D 214 8.72 -22.17 -8.81
CA ASP D 214 8.01 -20.87 -8.95
C ASP D 214 8.80 -19.74 -8.30
N ILE D 215 9.38 -20.02 -7.14
CA ILE D 215 10.14 -19.03 -6.42
C ILE D 215 11.48 -18.78 -7.10
N ALA D 216 12.11 -19.84 -7.58
CA ALA D 216 13.41 -19.69 -8.22
C ALA D 216 13.28 -18.89 -9.48
N ASN D 217 12.18 -19.05 -10.21
CA ASN D 217 11.94 -18.23 -11.39
C ASN D 217 11.83 -16.74 -11.05
N ALA D 218 11.14 -16.42 -9.97
CA ALA D 218 10.97 -15.05 -9.56
C ALA D 218 12.29 -14.48 -9.14
N VAL D 219 13.06 -15.31 -8.44
CA VAL D 219 14.35 -14.87 -7.96
C VAL D 219 15.27 -14.66 -9.13
N SER D 220 15.27 -15.58 -10.09
CA SER D 220 16.14 -15.46 -11.26
C SER D 220 15.83 -14.18 -12.03
N PHE D 221 14.56 -13.86 -12.16
CA PHE D 221 14.19 -12.61 -12.81
C PHE D 221 14.80 -11.41 -12.08
N LEU D 222 14.64 -11.33 -10.78
CA LEU D 222 15.13 -10.15 -10.05
C LEU D 222 16.63 -10.07 -10.06
N ALA D 223 17.29 -11.23 -10.05
CA ALA D 223 18.74 -11.29 -9.96
C ALA D 223 19.41 -10.88 -11.25
N SER D 224 18.65 -10.77 -12.34
CA SER D 224 19.19 -10.60 -13.68
C SER D 224 19.24 -9.15 -14.07
N ASP D 225 19.74 -8.90 -15.28
CA ASP D 225 19.79 -7.56 -15.83
C ASP D 225 18.42 -7.12 -16.33
N LYS D 226 17.45 -8.02 -16.31
CA LYS D 226 16.07 -7.69 -16.66
C LYS D 226 15.34 -6.83 -15.61
N ALA D 227 15.80 -6.92 -14.37
CA ALA D 227 15.12 -6.33 -13.24
C ALA D 227 15.92 -5.19 -12.65
N GLY D 228 16.75 -4.56 -13.48
CA GLY D 228 17.62 -3.49 -13.01
C GLY D 228 16.91 -2.27 -12.41
N TYR D 229 15.65 -2.07 -12.74
CA TYR D 229 14.95 -0.87 -12.27
C TYR D 229 13.88 -1.24 -11.24
N ILE D 230 14.01 -2.42 -10.66
CA ILE D 230 13.03 -2.84 -9.67
C ILE D 230 13.72 -2.89 -8.34
N THR D 231 13.27 -2.07 -7.40
CA THR D 231 13.84 -2.10 -6.09
C THR D 231 12.84 -1.71 -5.01
N GLY D 232 13.07 -2.23 -3.82
CA GLY D 232 12.26 -1.92 -2.70
C GLY D 232 10.91 -2.58 -2.79
N THR D 233 10.77 -3.62 -3.59
CA THR D 233 9.45 -4.18 -3.80
C THR D 233 9.33 -5.54 -3.17
N VAL D 234 8.11 -6.04 -3.12
CA VAL D 234 7.82 -7.39 -2.72
C VAL D 234 7.17 -8.07 -3.91
N LEU D 235 7.81 -9.12 -4.42
CA LEU D 235 7.22 -9.87 -5.52
C LEU D 235 6.45 -11.02 -4.93
N HIS D 236 5.12 -10.97 -5.05
CA HIS D 236 4.31 -12.02 -4.46
C HIS D 236 4.13 -13.14 -5.45
N VAL D 237 4.36 -14.34 -4.99
CA VAL D 237 4.20 -15.50 -5.84
C VAL D 237 3.37 -16.49 -5.06
N ASN D 238 2.07 -16.24 -5.01
CA ASN D 238 1.17 -17.05 -4.18
C ASN D 238 -0.03 -17.57 -4.93
N GLY D 239 -0.01 -17.42 -6.26
CA GLY D 239 -1.09 -17.93 -7.09
C GLY D 239 -2.41 -17.19 -6.88
N GLY D 240 -2.39 -16.07 -6.18
CA GLY D 240 -3.62 -15.32 -5.94
C GLY D 240 -4.16 -15.54 -4.53
N LEU D 241 -3.36 -16.10 -3.65
CA LEU D 241 -3.80 -16.29 -2.30
C LEU D 241 -4.08 -14.97 -1.65
N TYR D 242 -3.13 -14.03 -1.77
CA TYR D 242 -3.28 -12.65 -1.26
C TYR D 242 -2.98 -11.71 -2.41
N MET D 243 -3.70 -10.59 -2.46
CA MET D 243 -3.51 -9.64 -3.55
C MET D 243 -3.24 -8.24 -3.00
N ALA D 244 -2.08 -7.70 -3.35
CA ALA D 244 -1.67 -6.38 -2.90
C ALA D 244 -1.22 -5.54 -4.10
#